data_8EI7
#
_entry.id   8EI7
#
_cell.length_a   62.160
_cell.length_b   64.300
_cell.length_c   103.690
_cell.angle_alpha   90.000
_cell.angle_beta   90.900
_cell.angle_gamma   90.000
#
_symmetry.space_group_name_H-M   'P 1 21 1'
#
loop_
_entity.id
_entity.type
_entity.pdbx_description
1 polymer 'NEDD4-like E3 ubiquitin-protein ligase WWP2'
2 polymer H304
3 non-polymer GLYCEROL
4 non-polymer 1,2-ETHANEDIOL
5 non-polymer 'ZINC ION'
6 non-polymer 'TRIETHYLENE GLYCOL'
7 non-polymer DI(HYDROXYETHYL)ETHER
8 non-polymer "N,N'-(1,4-phenylene)diacetamide"
9 water water
#
loop_
_entity_poly.entity_id
_entity_poly.type
_entity_poly.pdbx_seq_one_letter_code
_entity_poly.pdbx_strand_id
1 'polypeptide(L)'
;GPDRSFRWKYHQFRFLCHSNALPSHVKISVSRQTLFEDSFQQIMNMKPYDLRRRLYIIMRGEEGLDYGGIAREWFFLLSH
EVLNPMYCLFEYAGKNNYCLQINPASSINPDHLTYFRFIGRFIAMALYHGKFIDTGFTLPFYKRMLNKRPTLKDLESIDP
EFYNSIVWIKENNLEECGLELYFIQDMEILGKVTTHELKEGGESIRVTEENKEEYIMLLTDWRFTRGVEEQTKAFLDGFN
EVAPLEWLRYFDEKELELMLCGMQEIDMSDWQKSTIYRHYTKNSKQIQWFWQVVKEMDNEKRIRLLQFVTGTCRLPVGGF
AELIGSNGPQKFCIDKVGKETWLPRSHTCFNRLDLPPYKSYEQLREKLLYAIEETE
;
A,B
2 'polypeptide(L)' (ACE)DPAQMYCREAAFYCFMH(NH2) C
#
# COMPACT_ATOMS: atom_id res chain seq x y z
N PRO A 2 -1.26 -16.44 -26.28
CA PRO A 2 -1.16 -17.66 -25.44
C PRO A 2 -0.27 -17.42 -24.20
N ASP A 3 1.04 -17.40 -24.44
CA ASP A 3 2.00 -17.04 -23.42
C ASP A 3 2.37 -15.56 -23.46
N ARG A 4 1.68 -14.76 -24.26
CA ARG A 4 2.04 -13.36 -24.40
C ARG A 4 1.34 -12.55 -23.31
N SER A 5 1.77 -11.30 -23.17
CA SER A 5 1.23 -10.49 -22.08
C SER A 5 -0.27 -10.20 -22.27
N PHE A 6 -0.91 -9.88 -21.14
CA PHE A 6 -2.32 -9.52 -21.18
C PHE A 6 -2.53 -8.33 -22.10
N ARG A 7 -1.64 -7.35 -22.03
CA ARG A 7 -1.80 -6.14 -22.85
C ARG A 7 -1.72 -6.49 -24.34
N TRP A 8 -0.80 -7.39 -24.71
CA TRP A 8 -0.69 -7.85 -26.10
C TRP A 8 -1.96 -8.54 -26.59
N LYS A 9 -2.48 -9.50 -25.81
CA LYS A 9 -3.72 -10.18 -26.16
C LYS A 9 -4.87 -9.18 -26.28
N TYR A 10 -4.88 -8.19 -25.39
CA TYR A 10 -5.93 -7.20 -25.45
C TYR A 10 -5.91 -6.47 -26.80
N HIS A 11 -4.72 -6.03 -27.24
CA HIS A 11 -4.68 -5.27 -28.49
C HIS A 11 -5.03 -6.15 -29.71
N GLN A 12 -4.66 -7.43 -29.68
CA GLN A 12 -5.11 -8.34 -30.74
C GLN A 12 -6.62 -8.41 -30.76
N PHE A 13 -7.22 -8.54 -29.58
CA PHE A 13 -8.67 -8.59 -29.54
C PHE A 13 -9.27 -7.29 -30.06
N ARG A 14 -8.72 -6.15 -29.64
CA ARG A 14 -9.19 -4.86 -30.16
C ARG A 14 -9.08 -4.77 -31.69
N PHE A 15 -7.98 -5.28 -32.27
CA PHE A 15 -7.81 -5.26 -33.72
C PHE A 15 -8.91 -6.06 -34.42
N LEU A 16 -9.26 -7.23 -33.88
CA LEU A 16 -10.41 -7.97 -34.39
C LEU A 16 -11.68 -7.14 -34.31
N CYS A 17 -11.91 -6.44 -33.20
CA CYS A 17 -13.13 -5.62 -33.03
C CYS A 17 -13.16 -4.46 -34.02
N HIS A 18 -12.05 -3.71 -34.12
CA HIS A 18 -11.95 -2.56 -35.04
C HIS A 18 -12.08 -3.02 -36.48
N SER A 19 -11.52 -4.18 -36.80
CA SER A 19 -11.55 -4.71 -38.15
C SER A 19 -12.93 -5.18 -38.54
N ASN A 20 -13.88 -5.21 -37.61
CA ASN A 20 -15.19 -5.75 -37.93
C ASN A 20 -16.31 -4.80 -37.47
N ALA A 21 -15.97 -3.53 -37.28
CA ALA A 21 -16.94 -2.53 -36.88
C ALA A 21 -17.73 -2.08 -38.10
N LEU A 22 -18.98 -1.78 -37.89
CA LEU A 22 -19.87 -1.18 -38.85
C LEU A 22 -20.00 0.31 -38.62
N PRO A 23 -20.34 1.10 -39.65
CA PRO A 23 -20.51 2.55 -39.45
C PRO A 23 -21.87 2.95 -38.87
N SER A 24 -22.12 4.26 -38.85
CA SER A 24 -23.36 4.87 -38.38
C SER A 24 -23.51 4.55 -36.89
N HIS A 25 -24.71 4.26 -36.40
CA HIS A 25 -24.96 4.13 -34.97
C HIS A 25 -26.27 3.39 -34.80
N VAL A 26 -26.52 2.94 -33.56
CA VAL A 26 -27.82 2.44 -33.12
C VAL A 26 -28.21 3.22 -31.88
N LYS A 27 -29.51 3.40 -31.68
CA LYS A 27 -30.01 4.15 -30.54
C LYS A 27 -30.63 3.17 -29.57
N ILE A 28 -30.26 3.32 -28.31
CA ILE A 28 -30.87 2.58 -27.21
C ILE A 28 -31.41 3.65 -26.27
N SER A 29 -32.74 3.72 -26.15
CA SER A 29 -33.40 4.73 -25.33
C SER A 29 -34.08 4.08 -24.14
N VAL A 30 -33.68 4.48 -22.95
CA VAL A 30 -34.14 3.87 -21.72
C VAL A 30 -34.55 4.97 -20.76
N SER A 31 -35.45 4.62 -19.85
N SER A 31 -35.32 4.61 -19.73
CA SER A 31 -35.68 5.35 -18.62
CA SER A 31 -35.90 5.61 -18.84
C SER A 31 -35.18 4.48 -17.48
C SER A 31 -35.36 5.61 -17.41
N ARG A 32 -34.51 5.09 -16.51
N ARG A 32 -34.61 4.59 -16.99
CA ARG A 32 -33.95 4.30 -15.40
CA ARG A 32 -34.06 4.39 -15.63
C ARG A 32 -35.01 3.55 -14.60
C ARG A 32 -34.99 3.58 -14.72
N GLN A 33 -36.29 3.88 -14.73
CA GLN A 33 -37.27 3.04 -14.04
C GLN A 33 -37.55 1.76 -14.80
N THR A 34 -37.39 1.82 -16.12
CA THR A 34 -37.66 0.71 -17.02
C THR A 34 -36.40 0.28 -17.78
N LEU A 35 -35.22 0.44 -17.13
CA LEU A 35 -33.94 0.19 -17.77
C LEU A 35 -33.87 -1.19 -18.41
N PHE A 36 -34.12 -2.23 -17.64
CA PHE A 36 -34.01 -3.59 -18.15
C PHE A 36 -34.97 -3.82 -19.31
N GLU A 37 -36.24 -3.43 -19.13
CA GLU A 37 -37.28 -3.79 -20.12
C GLU A 37 -37.05 -3.07 -21.44
N ASP A 38 -36.68 -1.79 -21.38
CA ASP A 38 -36.36 -1.01 -22.57
C ASP A 38 -35.10 -1.55 -23.25
N SER A 39 -34.06 -1.79 -22.45
CA SER A 39 -32.82 -2.37 -22.96
C SER A 39 -33.07 -3.73 -23.57
N PHE A 40 -33.92 -4.55 -22.93
CA PHE A 40 -34.19 -5.87 -23.47
C PHE A 40 -34.97 -5.80 -24.79
N GLN A 41 -36.07 -5.03 -24.84
CA GLN A 41 -36.88 -4.93 -26.07
C GLN A 41 -36.06 -4.36 -27.23
N GLN A 42 -35.39 -3.23 -27.00
CA GLN A 42 -34.69 -2.58 -28.10
C GLN A 42 -33.52 -3.43 -28.61
N ILE A 43 -32.75 -4.04 -27.70
CA ILE A 43 -31.58 -4.78 -28.15
C ILE A 43 -31.99 -6.08 -28.82
N MET A 44 -33.00 -6.78 -28.28
CA MET A 44 -33.43 -8.04 -28.92
C MET A 44 -34.21 -7.81 -30.21
N ASN A 45 -34.62 -6.57 -30.50
CA ASN A 45 -35.28 -6.27 -31.74
C ASN A 45 -34.31 -5.81 -32.82
N MET A 46 -33.00 -5.83 -32.54
CA MET A 46 -31.98 -5.49 -33.51
C MET A 46 -31.31 -6.73 -34.09
N LYS A 47 -30.93 -6.66 -35.36
CA LYS A 47 -29.99 -7.61 -35.90
C LYS A 47 -28.69 -7.55 -35.11
N PRO A 48 -28.15 -8.68 -34.68
CA PRO A 48 -27.01 -8.64 -33.74
C PRO A 48 -25.79 -7.89 -34.26
N TYR A 49 -25.51 -7.93 -35.57
CA TYR A 49 -24.35 -7.22 -36.09
C TYR A 49 -24.51 -5.70 -35.98
N ASP A 50 -25.76 -5.20 -35.97
CA ASP A 50 -25.95 -3.77 -35.80
C ASP A 50 -25.50 -3.29 -34.43
N LEU A 51 -25.39 -4.19 -33.45
CA LEU A 51 -24.86 -3.80 -32.13
C LEU A 51 -23.35 -3.55 -32.15
N ARG A 52 -22.67 -3.72 -33.28
CA ARG A 52 -21.27 -3.36 -33.38
C ARG A 52 -21.06 -1.94 -33.85
N ARG A 53 -22.14 -1.23 -34.15
CA ARG A 53 -22.09 0.19 -34.47
C ARG A 53 -21.93 1.01 -33.18
N ARG A 54 -21.58 2.27 -33.35
CA ARG A 54 -21.57 3.24 -32.24
C ARG A 54 -22.87 3.15 -31.45
N LEU A 55 -22.75 3.11 -30.13
CA LEU A 55 -23.93 3.01 -29.28
C LEU A 55 -24.34 4.43 -28.89
N TYR A 56 -25.55 4.82 -29.20
CA TYR A 56 -26.09 6.09 -28.71
C TYR A 56 -27.08 5.73 -27.61
N ILE A 57 -26.64 5.83 -26.36
CA ILE A 57 -27.49 5.55 -25.20
C ILE A 57 -28.22 6.83 -24.80
N ILE A 58 -29.55 6.72 -24.73
CA ILE A 58 -30.46 7.81 -24.43
C ILE A 58 -31.14 7.51 -23.10
N MET A 59 -30.77 8.25 -22.05
CA MET A 59 -31.54 8.24 -20.79
C MET A 59 -32.70 9.19 -21.04
N ARG A 60 -33.92 8.65 -21.26
CA ARG A 60 -35.05 9.50 -21.64
C ARG A 60 -35.27 10.62 -20.64
N GLY A 61 -35.18 11.86 -21.12
CA GLY A 61 -35.43 13.00 -20.28
C GLY A 61 -34.21 13.46 -19.49
N GLU A 62 -33.02 13.47 -20.09
CA GLU A 62 -31.86 13.92 -19.31
C GLU A 62 -30.87 14.82 -20.05
N GLU A 63 -29.64 14.83 -19.55
CA GLU A 63 -28.54 15.60 -20.12
C GLU A 63 -28.11 15.18 -21.54
N GLY A 64 -26.87 14.73 -21.68
CA GLY A 64 -26.28 14.28 -22.93
C GLY A 64 -24.76 14.34 -22.86
N LEU A 65 -24.19 15.40 -23.44
CA LEU A 65 -22.75 15.67 -23.38
C LEU A 65 -21.89 14.47 -23.81
N ASP A 66 -20.87 14.12 -23.00
CA ASP A 66 -19.92 13.07 -23.38
C ASP A 66 -20.47 11.69 -23.08
N TYR A 67 -20.41 10.84 -24.12
CA TYR A 67 -20.96 9.50 -24.14
C TYR A 67 -20.14 8.45 -23.40
N GLY A 68 -18.83 8.67 -23.18
CA GLY A 68 -18.07 7.73 -22.37
C GLY A 68 -18.67 7.49 -20.99
N GLY A 69 -19.10 8.57 -20.32
CA GLY A 69 -19.69 8.45 -19.00
C GLY A 69 -21.14 7.96 -18.99
N ILE A 70 -21.93 8.32 -20.01
CA ILE A 70 -23.29 7.80 -20.07
C ILE A 70 -23.26 6.35 -20.57
N ALA A 71 -22.25 5.98 -21.34
CA ALA A 71 -22.09 4.59 -21.71
C ALA A 71 -21.76 3.76 -20.48
N ARG A 72 -20.84 4.25 -19.65
CA ARG A 72 -20.41 3.49 -18.50
C ARG A 72 -21.53 3.30 -17.50
N GLU A 73 -22.40 4.32 -17.36
CA GLU A 73 -23.51 4.23 -16.40
C GLU A 73 -24.55 3.22 -16.85
N TRP A 74 -24.87 3.21 -18.14
CA TRP A 74 -25.81 2.23 -18.65
C TRP A 74 -25.25 0.81 -18.54
N PHE A 75 -24.00 0.59 -18.93
CA PHE A 75 -23.40 -0.72 -18.80
C PHE A 75 -23.39 -1.19 -17.33
N PHE A 76 -22.92 -0.32 -16.42
CA PHE A 76 -22.89 -0.65 -14.99
C PHE A 76 -24.27 -0.99 -14.44
N LEU A 77 -25.26 -0.12 -14.68
CA LEU A 77 -26.58 -0.32 -14.06
C LEU A 77 -27.28 -1.55 -14.61
N LEU A 78 -27.20 -1.77 -15.93
CA LEU A 78 -27.86 -2.95 -16.50
C LEU A 78 -27.18 -4.23 -16.02
N SER A 79 -25.88 -4.17 -15.72
CA SER A 79 -25.19 -5.36 -15.24
C SER A 79 -25.67 -5.77 -13.85
N HIS A 80 -26.13 -4.81 -13.04
CA HIS A 80 -26.79 -5.12 -11.77
C HIS A 80 -28.26 -5.50 -12.00
N GLU A 81 -28.95 -4.85 -12.93
CA GLU A 81 -30.38 -5.07 -13.07
C GLU A 81 -30.71 -6.49 -13.53
N VAL A 82 -29.84 -7.12 -14.32
CA VAL A 82 -30.10 -8.49 -14.75
C VAL A 82 -30.13 -9.44 -13.56
N LEU A 83 -29.51 -9.07 -12.44
CA LEU A 83 -29.55 -9.87 -11.22
C LEU A 83 -30.87 -9.78 -10.46
N ASN A 84 -31.81 -8.97 -10.93
CA ASN A 84 -33.04 -8.71 -10.17
C ASN A 84 -33.80 -10.02 -9.96
N PRO A 85 -34.05 -10.40 -8.71
CA PRO A 85 -34.67 -11.72 -8.42
C PRO A 85 -35.99 -11.97 -9.09
N MET A 86 -36.77 -10.94 -9.44
CA MET A 86 -38.04 -11.16 -10.10
C MET A 86 -37.86 -11.85 -11.45
N TYR A 87 -36.71 -11.65 -12.09
CA TYR A 87 -36.49 -12.29 -13.38
C TYR A 87 -36.19 -13.77 -13.26
N CYS A 88 -35.75 -14.22 -12.09
CA CYS A 88 -35.49 -15.62 -11.81
C CYS A 88 -34.37 -16.21 -12.68
N LEU A 89 -33.41 -15.37 -13.10
CA LEU A 89 -32.34 -15.85 -13.97
C LEU A 89 -31.16 -16.44 -13.21
N PHE A 90 -30.80 -15.86 -12.04
CA PHE A 90 -29.61 -16.22 -11.30
C PHE A 90 -29.91 -16.61 -9.86
N GLU A 91 -28.91 -17.19 -9.22
CA GLU A 91 -28.95 -17.50 -7.80
C GLU A 91 -27.52 -17.49 -7.29
N TYR A 92 -27.36 -17.65 -5.99
CA TYR A 92 -26.04 -17.61 -5.39
C TYR A 92 -25.73 -18.90 -4.67
N ALA A 93 -24.52 -19.40 -4.87
CA ALA A 93 -24.12 -20.66 -4.27
C ALA A 93 -24.03 -20.52 -2.74
N GLY A 94 -23.45 -19.44 -2.25
CA GLY A 94 -23.24 -19.24 -0.84
C GLY A 94 -24.15 -18.16 -0.26
N LYS A 95 -23.94 -17.88 1.03
CA LYS A 95 -24.76 -16.89 1.72
C LYS A 95 -24.40 -15.49 1.27
N ASN A 96 -25.42 -14.61 1.31
CA ASN A 96 -25.27 -13.19 1.07
C ASN A 96 -24.74 -12.91 -0.33
N ASN A 97 -25.36 -13.52 -1.31
CA ASN A 97 -24.97 -13.26 -2.70
C ASN A 97 -23.50 -13.60 -2.95
N TYR A 98 -23.01 -14.71 -2.41
CA TYR A 98 -21.67 -15.16 -2.71
C TYR A 98 -21.75 -16.12 -3.90
N CYS A 99 -20.84 -15.94 -4.88
CA CYS A 99 -20.72 -16.88 -5.99
C CYS A 99 -21.96 -16.97 -6.89
N LEU A 100 -22.11 -16.02 -7.79
CA LEU A 100 -23.21 -16.00 -8.76
C LEU A 100 -23.18 -17.23 -9.66
N GLN A 101 -24.36 -17.71 -10.02
CA GLN A 101 -24.53 -18.79 -10.98
C GLN A 101 -25.94 -18.76 -11.54
N ILE A 102 -26.12 -19.44 -12.67
CA ILE A 102 -27.42 -19.47 -13.32
C ILE A 102 -28.41 -20.28 -12.45
N ASN A 103 -29.63 -19.80 -12.36
CA ASN A 103 -30.66 -20.50 -11.62
C ASN A 103 -31.19 -21.69 -12.44
N PRO A 104 -31.05 -22.93 -11.93
CA PRO A 104 -31.59 -24.08 -12.68
C PRO A 104 -33.10 -24.03 -12.86
N ALA A 105 -33.83 -23.32 -11.98
CA ALA A 105 -35.28 -23.14 -12.08
C ALA A 105 -35.68 -21.93 -12.92
N SER A 106 -34.76 -21.40 -13.74
CA SER A 106 -35.05 -20.16 -14.45
C SER A 106 -36.27 -20.30 -15.38
N SER A 107 -36.59 -21.51 -15.85
CA SER A 107 -37.71 -21.73 -16.75
C SER A 107 -39.05 -21.35 -16.15
N ILE A 108 -39.11 -21.13 -14.83
CA ILE A 108 -40.29 -20.52 -14.26
C ILE A 108 -40.59 -19.16 -14.92
N ASN A 109 -39.56 -18.51 -15.48
CA ASN A 109 -39.71 -17.37 -16.36
C ASN A 109 -39.86 -17.98 -17.74
N PRO A 110 -41.01 -17.88 -18.39
CA PRO A 110 -41.20 -18.58 -19.68
C PRO A 110 -40.30 -18.06 -20.79
N ASP A 111 -39.79 -16.83 -20.67
CA ASP A 111 -38.95 -16.19 -21.68
C ASP A 111 -37.47 -16.38 -21.37
N HIS A 112 -37.13 -17.28 -20.44
CA HIS A 112 -35.81 -17.17 -19.83
C HIS A 112 -34.70 -17.42 -20.84
N LEU A 113 -34.93 -18.27 -21.85
CA LEU A 113 -33.89 -18.49 -22.84
C LEU A 113 -33.63 -17.22 -23.65
N THR A 114 -34.67 -16.46 -23.96
CA THR A 114 -34.46 -15.18 -24.63
C THR A 114 -33.79 -14.16 -23.73
N TYR A 115 -34.05 -14.25 -22.43
CA TYR A 115 -33.38 -13.37 -21.47
C TYR A 115 -31.89 -13.69 -21.39
N PHE A 116 -31.54 -14.99 -21.45
CA PHE A 116 -30.13 -15.34 -21.39
C PHE A 116 -29.44 -14.96 -22.68
N ARG A 117 -30.10 -15.12 -23.83
N ARG A 117 -30.10 -15.14 -23.82
CA ARG A 117 -29.51 -14.69 -25.09
CA ARG A 117 -29.52 -14.69 -25.09
C ARG A 117 -29.24 -13.19 -25.07
C ARG A 117 -29.23 -13.21 -25.03
N PHE A 118 -30.15 -12.42 -24.47
CA PHE A 118 -29.97 -10.98 -24.29
C PHE A 118 -28.73 -10.65 -23.46
N ILE A 119 -28.58 -11.32 -22.31
CA ILE A 119 -27.40 -11.10 -21.45
C ILE A 119 -26.12 -11.45 -22.19
N GLY A 120 -26.14 -12.51 -23.00
CA GLY A 120 -25.01 -12.79 -23.88
C GLY A 120 -24.68 -11.62 -24.80
N ARG A 121 -25.70 -11.07 -25.50
CA ARG A 121 -25.48 -9.92 -26.38
C ARG A 121 -24.90 -8.75 -25.61
N PHE A 122 -25.47 -8.48 -24.43
CA PHE A 122 -25.03 -7.35 -23.64
C PHE A 122 -23.57 -7.50 -23.20
N ILE A 123 -23.19 -8.67 -22.71
CA ILE A 123 -21.82 -8.92 -22.29
C ILE A 123 -20.87 -8.82 -23.49
N ALA A 124 -21.25 -9.38 -24.64
CA ALA A 124 -20.46 -9.16 -25.85
C ALA A 124 -20.37 -7.67 -26.19
N MET A 125 -21.49 -6.92 -26.03
CA MET A 125 -21.44 -5.48 -26.32
C MET A 125 -20.45 -4.76 -25.43
N ALA A 126 -20.37 -5.16 -24.16
CA ALA A 126 -19.41 -4.53 -23.26
C ALA A 126 -17.98 -4.76 -23.75
N LEU A 127 -17.63 -6.02 -24.01
CA LEU A 127 -16.33 -6.33 -24.59
C LEU A 127 -16.11 -5.59 -25.90
N TYR A 128 -17.10 -5.65 -26.79
CA TYR A 128 -16.91 -5.06 -28.11
C TYR A 128 -16.62 -3.57 -28.01
N HIS A 129 -17.40 -2.88 -27.19
CA HIS A 129 -17.26 -1.44 -27.11
C HIS A 129 -16.25 -1.01 -26.06
N GLY A 130 -15.57 -1.94 -25.40
CA GLY A 130 -14.58 -1.58 -24.42
C GLY A 130 -15.16 -0.95 -23.17
N LYS A 131 -16.32 -1.41 -22.72
CA LYS A 131 -16.95 -0.94 -21.52
C LYS A 131 -17.06 -2.08 -20.50
N PHE A 132 -17.31 -1.71 -19.23
CA PHE A 132 -17.14 -2.65 -18.14
C PHE A 132 -18.44 -2.81 -17.38
N ILE A 133 -18.56 -3.98 -16.76
CA ILE A 133 -19.75 -4.40 -16.06
C ILE A 133 -19.36 -4.87 -14.65
N ASP A 134 -20.38 -5.19 -13.88
CA ASP A 134 -20.18 -5.56 -12.48
C ASP A 134 -21.15 -6.69 -12.05
N THR A 135 -21.52 -7.56 -12.98
CA THR A 135 -22.50 -8.60 -12.72
C THR A 135 -21.98 -9.61 -11.68
N GLY A 136 -20.71 -9.96 -11.75
CA GLY A 136 -20.11 -10.88 -10.81
C GLY A 136 -20.03 -12.33 -11.23
N PHE A 137 -19.96 -12.62 -12.52
CA PHE A 137 -19.76 -13.99 -13.01
C PHE A 137 -18.50 -14.59 -12.40
N THR A 138 -18.50 -15.91 -12.25
CA THR A 138 -17.38 -16.60 -11.60
C THR A 138 -16.29 -16.99 -12.60
N LEU A 139 -15.10 -17.26 -12.06
CA LEU A 139 -14.00 -17.69 -12.93
C LEU A 139 -14.36 -18.93 -13.74
N PRO A 140 -15.12 -19.93 -13.22
CA PRO A 140 -15.53 -21.06 -14.07
C PRO A 140 -16.53 -20.71 -15.16
N PHE A 141 -17.38 -19.71 -14.91
CA PHE A 141 -18.25 -19.22 -15.96
C PHE A 141 -17.42 -18.62 -17.10
N TYR A 142 -16.35 -17.89 -16.76
CA TYR A 142 -15.44 -17.41 -17.80
C TYR A 142 -14.73 -18.55 -18.53
N LYS A 143 -14.38 -19.64 -17.82
CA LYS A 143 -13.70 -20.76 -18.46
C LYS A 143 -14.54 -21.33 -19.60
N ARG A 144 -15.84 -21.52 -19.33
CA ARG A 144 -16.77 -21.99 -20.35
C ARG A 144 -16.72 -21.13 -21.62
N MET A 145 -16.71 -19.81 -21.48
CA MET A 145 -16.61 -18.95 -22.67
C MET A 145 -15.31 -19.17 -23.45
N LEU A 146 -14.26 -19.64 -22.79
CA LEU A 146 -12.97 -19.88 -23.40
C LEU A 146 -12.74 -21.36 -23.77
N ASN A 147 -13.76 -22.20 -23.63
CA ASN A 147 -13.67 -23.64 -23.93
C ASN A 147 -12.63 -24.34 -23.07
N LYS A 148 -12.43 -23.80 -21.87
CA LYS A 148 -11.65 -24.44 -20.83
C LYS A 148 -12.59 -25.26 -19.94
N ARG A 149 -12.23 -26.50 -19.74
CA ARG A 149 -12.98 -27.40 -18.86
C ARG A 149 -12.79 -26.99 -17.40
N PRO A 150 -13.87 -26.81 -16.64
CA PRO A 150 -13.70 -26.56 -15.20
C PRO A 150 -13.01 -27.73 -14.52
N THR A 151 -12.16 -27.41 -13.57
CA THR A 151 -11.32 -28.40 -12.91
C THR A 151 -11.95 -28.84 -11.60
N LEU A 152 -11.32 -29.86 -11.01
CA LEU A 152 -11.63 -30.27 -9.66
C LEU A 152 -11.45 -29.10 -8.69
N LYS A 153 -10.31 -28.40 -8.80
CA LYS A 153 -10.06 -27.26 -7.92
C LYS A 153 -11.13 -26.17 -8.06
N ASP A 154 -11.67 -25.96 -9.26
CA ASP A 154 -12.76 -24.99 -9.42
C ASP A 154 -13.95 -25.32 -8.51
N LEU A 155 -14.19 -26.61 -8.27
CA LEU A 155 -15.35 -26.99 -7.47
C LEU A 155 -15.30 -26.36 -6.10
N GLU A 156 -14.10 -26.24 -5.54
CA GLU A 156 -13.95 -25.69 -4.21
C GLU A 156 -14.47 -24.26 -4.14
N SER A 157 -14.49 -23.53 -5.27
CA SER A 157 -14.97 -22.15 -5.31
C SER A 157 -16.50 -22.08 -5.26
N ILE A 158 -17.19 -22.99 -5.96
CA ILE A 158 -18.65 -22.93 -6.07
C ILE A 158 -19.33 -23.79 -5.00
N ASP A 159 -18.67 -24.85 -4.53
CA ASP A 159 -19.32 -25.85 -3.68
C ASP A 159 -18.28 -26.55 -2.83
N PRO A 160 -17.88 -25.94 -1.73
CA PRO A 160 -16.81 -26.51 -0.91
C PRO A 160 -17.06 -27.95 -0.43
N GLU A 161 -18.27 -28.29 0.00
CA GLU A 161 -18.51 -29.65 0.49
C GLU A 161 -18.36 -30.67 -0.61
N PHE A 162 -19.00 -30.42 -1.76
CA PHE A 162 -18.98 -31.34 -2.89
C PHE A 162 -17.55 -31.60 -3.34
N TYR A 163 -16.72 -30.56 -3.27
CA TYR A 163 -15.31 -30.66 -3.55
C TYR A 163 -14.63 -31.58 -2.56
N ASN A 164 -14.80 -31.30 -1.27
CA ASN A 164 -14.26 -32.18 -0.22
C ASN A 164 -14.73 -33.61 -0.40
N SER A 165 -15.98 -33.76 -0.81
CA SER A 165 -16.54 -35.08 -1.07
C SER A 165 -15.80 -35.78 -2.20
N ILE A 166 -15.52 -35.07 -3.31
CA ILE A 166 -14.81 -35.67 -4.45
C ILE A 166 -13.33 -35.86 -4.11
N VAL A 167 -12.75 -34.94 -3.35
CA VAL A 167 -11.36 -35.14 -2.92
C VAL A 167 -11.26 -36.43 -2.11
N TRP A 168 -12.21 -36.65 -1.19
CA TRP A 168 -12.19 -37.85 -0.34
C TRP A 168 -12.18 -39.10 -1.18
N ILE A 169 -13.06 -39.17 -2.18
CA ILE A 169 -13.12 -40.31 -3.08
C ILE A 169 -11.80 -40.49 -3.82
N LYS A 170 -11.27 -39.39 -4.35
CA LYS A 170 -10.00 -39.43 -5.06
C LYS A 170 -8.90 -40.03 -4.23
N GLU A 171 -8.76 -39.56 -2.99
CA GLU A 171 -7.65 -39.95 -2.11
C GLU A 171 -7.86 -41.27 -1.35
N ASN A 172 -9.06 -41.87 -1.35
CA ASN A 172 -9.36 -43.03 -0.51
C ASN A 172 -9.87 -44.22 -1.32
N ASN A 173 -9.65 -45.42 -0.76
CA ASN A 173 -10.03 -46.67 -1.41
C ASN A 173 -11.49 -46.94 -1.05
N LEU A 174 -12.39 -46.65 -1.97
CA LEU A 174 -13.81 -46.81 -1.71
C LEU A 174 -14.29 -48.26 -1.55
N GLU A 175 -13.52 -49.19 -2.10
CA GLU A 175 -13.89 -50.60 -1.98
C GLU A 175 -13.61 -51.08 -0.56
N GLU A 176 -12.60 -50.49 0.07
CA GLU A 176 -12.22 -50.82 1.44
C GLU A 176 -13.28 -50.37 2.44
N CYS A 177 -14.00 -49.30 2.12
CA CYS A 177 -15.03 -48.77 3.00
C CYS A 177 -16.44 -49.14 2.56
N GLY A 178 -16.55 -49.91 1.49
CA GLY A 178 -17.84 -50.34 0.99
C GLY A 178 -18.70 -49.25 0.38
N LEU A 179 -18.07 -48.17 -0.08
CA LEU A 179 -18.81 -47.07 -0.70
C LEU A 179 -19.48 -47.48 -2.00
N GLU A 180 -20.80 -47.41 -2.02
CA GLU A 180 -21.59 -47.79 -3.19
C GLU A 180 -21.96 -46.57 -4.03
N LEU A 181 -21.38 -46.48 -5.22
CA LEU A 181 -21.62 -45.37 -6.13
C LEU A 181 -21.78 -45.94 -7.52
N TYR A 182 -22.54 -45.26 -8.37
CA TYR A 182 -22.77 -45.65 -9.75
C TYR A 182 -22.69 -44.40 -10.64
N PHE A 183 -22.48 -44.62 -11.95
CA PHE A 183 -22.28 -43.52 -12.87
C PHE A 183 -23.60 -42.82 -13.23
N ILE A 184 -24.29 -42.34 -12.18
CA ILE A 184 -25.58 -41.64 -12.32
C ILE A 184 -25.68 -40.58 -11.24
N GLN A 185 -26.45 -39.52 -11.53
CA GLN A 185 -26.74 -38.51 -10.54
C GLN A 185 -28.19 -38.07 -10.59
N ASP A 186 -28.68 -37.61 -9.44
CA ASP A 186 -30.02 -37.08 -9.33
C ASP A 186 -30.01 -35.56 -9.28
N MET A 187 -31.10 -34.97 -9.77
CA MET A 187 -31.32 -33.53 -9.70
C MET A 187 -32.80 -33.21 -9.57
N GLU A 188 -33.16 -32.40 -8.58
CA GLU A 188 -34.52 -31.87 -8.43
C GLU A 188 -34.54 -30.38 -8.76
N ILE A 189 -35.37 -30.01 -9.72
CA ILE A 189 -35.60 -28.62 -10.09
C ILE A 189 -37.09 -28.39 -10.19
N LEU A 190 -37.60 -27.39 -9.47
CA LEU A 190 -39.04 -27.08 -9.47
C LEU A 190 -39.85 -28.31 -9.05
N GLY A 191 -39.33 -29.02 -8.03
CA GLY A 191 -39.99 -30.20 -7.48
C GLY A 191 -40.13 -31.41 -8.38
N LYS A 192 -39.26 -31.55 -9.38
CA LYS A 192 -39.34 -32.64 -10.35
C LYS A 192 -37.96 -33.31 -10.45
N VAL A 193 -37.77 -34.40 -9.71
CA VAL A 193 -36.45 -35.01 -9.60
C VAL A 193 -36.20 -35.89 -10.83
N THR A 194 -35.04 -35.70 -11.48
CA THR A 194 -34.68 -36.50 -12.62
C THR A 194 -33.32 -37.18 -12.45
N THR A 195 -33.03 -38.10 -13.38
CA THR A 195 -31.83 -38.93 -13.34
C THR A 195 -31.04 -38.80 -14.62
N HIS A 196 -29.77 -38.44 -14.47
CA HIS A 196 -28.84 -38.29 -15.57
C HIS A 196 -27.78 -39.38 -15.45
N GLU A 197 -27.57 -40.10 -16.53
CA GLU A 197 -26.52 -41.08 -16.57
C GLU A 197 -25.23 -40.34 -16.92
N LEU A 198 -24.14 -40.66 -16.19
CA LEU A 198 -22.88 -39.97 -16.41
C LEU A 198 -22.17 -40.47 -17.66
N LYS A 199 -22.49 -41.68 -18.12
CA LYS A 199 -22.11 -42.21 -19.43
C LYS A 199 -23.15 -43.25 -19.80
N GLU A 200 -22.95 -43.91 -20.95
CA GLU A 200 -23.86 -44.96 -21.37
C GLU A 200 -23.94 -46.08 -20.33
N GLY A 201 -25.17 -46.42 -19.94
CA GLY A 201 -25.38 -47.52 -19.01
C GLY A 201 -24.84 -47.30 -17.62
N GLY A 202 -24.53 -46.04 -17.28
CA GLY A 202 -24.04 -45.64 -15.97
C GLY A 202 -24.88 -46.14 -14.82
N GLU A 203 -26.15 -46.41 -15.10
CA GLU A 203 -27.11 -46.78 -14.07
C GLU A 203 -26.64 -48.00 -13.31
N SER A 204 -26.05 -48.96 -14.02
CA SER A 204 -25.58 -50.23 -13.49
C SER A 204 -24.07 -50.30 -13.26
N ILE A 205 -23.30 -49.29 -13.68
CA ILE A 205 -21.84 -49.37 -13.66
C ILE A 205 -21.38 -48.85 -12.31
N ARG A 206 -20.86 -49.74 -11.48
CA ARG A 206 -20.41 -49.37 -10.16
C ARG A 206 -19.06 -48.67 -10.22
N VAL A 207 -18.81 -47.81 -9.24
CA VAL A 207 -17.57 -47.04 -9.18
C VAL A 207 -16.56 -47.84 -8.38
N THR A 208 -15.43 -48.14 -8.99
CA THR A 208 -14.36 -48.91 -8.38
C THR A 208 -13.07 -48.10 -8.43
N GLU A 209 -12.02 -48.67 -7.88
CA GLU A 209 -10.71 -48.05 -7.91
C GLU A 209 -10.21 -47.89 -9.36
N GLU A 210 -10.61 -48.82 -10.24
CA GLU A 210 -10.24 -48.75 -11.64
C GLU A 210 -11.12 -47.84 -12.46
N ASN A 211 -12.20 -47.35 -11.87
CA ASN A 211 -13.21 -46.50 -12.46
C ASN A 211 -13.13 -45.07 -12.01
N LYS A 212 -12.50 -44.86 -10.86
CA LYS A 212 -12.63 -43.65 -10.06
C LYS A 212 -12.32 -42.39 -10.84
N GLU A 213 -11.16 -42.37 -11.51
CA GLU A 213 -10.72 -41.16 -12.20
C GLU A 213 -11.70 -40.72 -13.27
N GLU A 214 -12.25 -41.66 -13.99
CA GLU A 214 -13.24 -41.27 -14.97
C GLU A 214 -14.52 -40.78 -14.29
N TYR A 215 -14.89 -41.40 -13.18
CA TYR A 215 -16.07 -40.98 -12.42
C TYR A 215 -15.93 -39.55 -11.89
N ILE A 216 -14.81 -39.26 -11.22
CA ILE A 216 -14.52 -37.91 -10.74
C ILE A 216 -14.63 -36.89 -11.86
N MET A 217 -14.00 -37.17 -13.01
CA MET A 217 -14.07 -36.27 -14.16
C MET A 217 -15.49 -36.00 -14.58
N LEU A 218 -16.27 -37.05 -14.80
CA LEU A 218 -17.64 -36.86 -15.31
C LEU A 218 -18.51 -36.20 -14.27
N LEU A 219 -18.25 -36.48 -12.98
CA LEU A 219 -19.05 -35.88 -11.93
C LEU A 219 -18.75 -34.40 -11.84
N THR A 220 -17.47 -34.05 -11.92
CA THR A 220 -17.07 -32.65 -11.99
C THR A 220 -17.77 -31.92 -13.14
N ASP A 221 -17.64 -32.42 -14.38
CA ASP A 221 -18.38 -31.83 -15.48
C ASP A 221 -19.88 -31.66 -15.18
N TRP A 222 -20.49 -32.66 -14.54
CA TRP A 222 -21.94 -32.62 -14.30
C TRP A 222 -22.30 -31.55 -13.26
N ARG A 223 -21.47 -31.36 -12.26
CA ARG A 223 -21.77 -30.34 -11.25
C ARG A 223 -21.82 -28.94 -11.87
N PHE A 224 -20.97 -28.67 -12.87
CA PHE A 224 -20.92 -27.32 -13.45
C PHE A 224 -21.99 -27.09 -14.50
N THR A 225 -22.48 -28.14 -15.13
CA THR A 225 -23.45 -28.02 -16.21
C THR A 225 -24.87 -28.41 -15.81
N ARG A 226 -25.05 -29.11 -14.68
CA ARG A 226 -26.35 -29.70 -14.33
C ARG A 226 -27.44 -28.64 -14.29
N GLY A 227 -28.51 -28.86 -15.05
CA GLY A 227 -29.71 -28.04 -15.02
C GLY A 227 -29.60 -26.65 -15.61
N VAL A 228 -28.43 -26.26 -16.15
CA VAL A 228 -28.27 -24.93 -16.71
C VAL A 228 -27.73 -24.99 -18.14
N GLU A 229 -27.90 -26.13 -18.82
CA GLU A 229 -27.33 -26.34 -20.15
C GLU A 229 -27.90 -25.35 -21.15
N GLU A 230 -29.24 -25.30 -21.22
CA GLU A 230 -29.96 -24.51 -22.22
C GLU A 230 -29.79 -23.02 -21.95
N GLN A 231 -29.82 -22.64 -20.68
CA GLN A 231 -29.54 -21.26 -20.32
C GLN A 231 -28.13 -20.88 -20.76
N THR A 232 -27.15 -21.75 -20.50
CA THR A 232 -25.76 -21.45 -20.82
C THR A 232 -25.56 -21.35 -22.33
N LYS A 233 -26.21 -22.26 -23.08
CA LYS A 233 -26.12 -22.21 -24.53
C LYS A 233 -26.77 -20.94 -25.07
N ALA A 234 -27.88 -20.49 -24.46
CA ALA A 234 -28.54 -19.28 -24.94
C ALA A 234 -27.66 -18.07 -24.69
N PHE A 235 -27.01 -18.05 -23.52
CA PHE A 235 -26.03 -16.99 -23.26
C PHE A 235 -24.91 -17.00 -24.30
N LEU A 236 -24.32 -18.17 -24.53
CA LEU A 236 -23.19 -18.29 -25.45
C LEU A 236 -23.56 -17.93 -26.90
N ASP A 237 -24.73 -18.36 -27.40
CA ASP A 237 -25.18 -17.99 -28.74
C ASP A 237 -25.47 -16.50 -28.87
N GLY A 238 -25.98 -15.87 -27.80
CA GLY A 238 -26.21 -14.44 -27.85
C GLY A 238 -24.90 -13.67 -27.85
N PHE A 239 -23.94 -14.08 -27.01
CA PHE A 239 -22.64 -13.46 -27.09
C PHE A 239 -22.05 -13.65 -28.48
N ASN A 240 -22.05 -14.88 -28.96
CA ASN A 240 -21.34 -15.20 -30.19
C ASN A 240 -21.89 -14.44 -31.40
N GLU A 241 -23.20 -14.17 -31.40
CA GLU A 241 -23.90 -13.39 -32.44
C GLU A 241 -23.33 -11.99 -32.59
N VAL A 242 -22.87 -11.41 -31.47
CA VAL A 242 -22.38 -10.05 -31.46
C VAL A 242 -20.87 -10.01 -31.62
N ALA A 243 -20.17 -10.82 -30.83
CA ALA A 243 -18.71 -10.94 -30.90
C ALA A 243 -18.35 -12.42 -30.91
N PRO A 244 -17.81 -12.94 -32.00
CA PRO A 244 -17.46 -14.37 -32.03
C PRO A 244 -16.61 -14.75 -30.83
N LEU A 245 -17.00 -15.87 -30.19
CA LEU A 245 -16.28 -16.34 -29.02
C LEU A 245 -14.87 -16.74 -29.35
N GLU A 246 -14.63 -17.14 -30.61
CA GLU A 246 -13.26 -17.48 -31.00
C GLU A 246 -12.31 -16.28 -30.92
N TRP A 247 -12.80 -15.04 -30.98
CA TRP A 247 -11.91 -13.90 -30.79
C TRP A 247 -11.31 -13.87 -29.39
N LEU A 248 -11.87 -14.63 -28.43
CA LEU A 248 -11.39 -14.63 -27.05
C LEU A 248 -10.26 -15.59 -26.82
N ARG A 249 -9.65 -16.08 -27.89
CA ARG A 249 -8.51 -16.94 -27.73
C ARG A 249 -7.37 -16.16 -27.08
N TYR A 250 -6.45 -16.92 -26.51
CA TYR A 250 -5.27 -16.53 -25.78
C TYR A 250 -5.58 -16.12 -24.35
N PHE A 251 -6.78 -15.62 -24.07
CA PHE A 251 -7.07 -15.17 -22.71
C PHE A 251 -7.21 -16.38 -21.78
N ASP A 252 -6.71 -16.24 -20.57
CA ASP A 252 -7.19 -17.14 -19.54
C ASP A 252 -8.40 -16.46 -18.86
N GLU A 253 -9.06 -17.21 -17.97
CA GLU A 253 -10.31 -16.76 -17.39
C GLU A 253 -10.09 -15.55 -16.50
N LYS A 254 -8.90 -15.43 -15.91
CA LYS A 254 -8.63 -14.28 -15.06
C LYS A 254 -8.50 -13.02 -15.89
N GLU A 255 -7.87 -13.14 -17.07
CA GLU A 255 -7.74 -11.99 -17.95
C GLU A 255 -9.11 -11.59 -18.50
N LEU A 256 -9.96 -12.57 -18.83
CA LEU A 256 -11.30 -12.26 -19.31
C LEU A 256 -12.12 -11.55 -18.24
N GLU A 257 -11.99 -11.97 -16.99
CA GLU A 257 -12.67 -11.24 -15.94
C GLU A 257 -12.24 -9.78 -15.91
N LEU A 258 -10.91 -9.53 -15.95
CA LEU A 258 -10.39 -8.16 -16.04
C LEU A 258 -10.93 -7.41 -17.23
N MET A 259 -10.97 -8.07 -18.41
CA MET A 259 -11.52 -7.44 -19.61
C MET A 259 -12.92 -6.93 -19.35
N LEU A 260 -13.73 -7.71 -18.63
CA LEU A 260 -15.13 -7.34 -18.44
C LEU A 260 -15.35 -6.43 -17.24
N CYS A 261 -14.51 -6.50 -16.22
CA CYS A 261 -14.72 -5.76 -14.99
C CYS A 261 -13.94 -4.46 -14.93
N GLY A 262 -12.86 -4.32 -15.69
CA GLY A 262 -12.03 -3.16 -15.47
C GLY A 262 -10.95 -3.54 -14.47
N MET A 263 -10.13 -2.56 -14.16
CA MET A 263 -8.92 -2.79 -13.40
C MET A 263 -8.99 -2.09 -12.05
N GLN A 264 -8.96 -2.88 -10.99
CA GLN A 264 -9.01 -2.36 -9.64
C GLN A 264 -7.59 -2.05 -9.13
N GLU A 265 -7.40 -0.80 -8.68
CA GLU A 265 -6.16 -0.41 -7.98
C GLU A 265 -6.15 -1.04 -6.59
N ILE A 266 -5.10 -1.76 -6.24
CA ILE A 266 -5.09 -2.41 -4.94
C ILE A 266 -4.35 -1.58 -3.91
N ASP A 267 -5.09 -1.13 -2.88
CA ASP A 267 -4.50 -0.41 -1.74
C ASP A 267 -3.74 -1.40 -0.86
N MET A 268 -2.41 -1.33 -0.89
CA MET A 268 -1.63 -2.24 -0.06
C MET A 268 -1.86 -1.96 1.43
N SER A 269 -2.12 -0.70 1.80
CA SER A 269 -2.42 -0.39 3.19
C SER A 269 -3.69 -1.11 3.64
N ASP A 270 -4.82 -0.82 2.96
CA ASP A 270 -6.07 -1.49 3.29
C ASP A 270 -5.92 -3.02 3.30
N TRP A 271 -5.23 -3.57 2.30
CA TRP A 271 -5.05 -5.02 2.26
C TRP A 271 -4.44 -5.54 3.54
N GLN A 272 -3.33 -4.93 3.94
CA GLN A 272 -2.57 -5.38 5.10
C GLN A 272 -3.31 -5.14 6.42
N LYS A 273 -4.05 -4.02 6.52
CA LYS A 273 -4.82 -3.75 7.74
C LYS A 273 -5.97 -4.71 7.92
N SER A 274 -6.35 -5.43 6.88
CA SER A 274 -7.52 -6.29 7.02
C SER A 274 -7.16 -7.75 6.77
N THR A 275 -5.93 -8.15 6.99
CA THR A 275 -5.57 -9.54 6.83
C THR A 275 -5.48 -10.19 8.21
N ILE A 276 -6.03 -11.39 8.31
CA ILE A 276 -5.98 -12.15 9.54
C ILE A 276 -5.10 -13.37 9.29
N TYR A 277 -4.51 -13.90 10.36
CA TYR A 277 -3.56 -15.00 10.27
C TYR A 277 -4.00 -16.20 11.08
N ARG A 278 -3.43 -17.34 10.72
CA ARG A 278 -3.66 -18.60 11.39
C ARG A 278 -2.30 -19.24 11.55
N HIS A 279 -1.97 -19.67 12.78
CA HIS A 279 -0.63 -20.13 13.17
C HIS A 279 0.42 -19.03 13.02
N TYR A 280 0.37 -18.25 11.94
CA TYR A 280 1.27 -17.12 11.74
C TYR A 280 0.81 -15.92 12.57
N THR A 281 1.67 -14.91 12.65
CA THR A 281 1.28 -13.59 13.13
C THR A 281 1.84 -12.59 12.16
N LYS A 282 1.43 -11.32 12.31
CA LYS A 282 1.94 -10.28 11.41
C LYS A 282 3.44 -10.15 11.46
N ASN A 283 4.09 -10.71 12.49
CA ASN A 283 5.53 -10.51 12.67
C ASN A 283 6.33 -11.72 12.24
N SER A 284 5.65 -12.82 11.87
CA SER A 284 6.33 -14.01 11.34
C SER A 284 7.16 -13.63 10.12
N LYS A 285 8.27 -14.33 9.94
CA LYS A 285 9.18 -13.99 8.85
C LYS A 285 8.52 -14.13 7.48
N GLN A 286 7.79 -15.24 7.27
CA GLN A 286 7.16 -15.48 5.98
C GLN A 286 6.08 -14.42 5.69
N ILE A 287 5.30 -14.04 6.70
CA ILE A 287 4.32 -12.97 6.49
C ILE A 287 4.99 -11.66 6.08
N GLN A 288 6.11 -11.31 6.73
CA GLN A 288 6.84 -10.12 6.32
C GLN A 288 7.40 -10.28 4.91
N TRP A 289 8.03 -11.42 4.61
CA TRP A 289 8.45 -11.67 3.24
C TRP A 289 7.26 -11.52 2.29
N PHE A 290 6.09 -12.04 2.70
CA PHE A 290 4.89 -11.97 1.84
C PHE A 290 4.57 -10.52 1.48
N TRP A 291 4.54 -9.63 2.46
CA TRP A 291 4.15 -8.26 2.13
C TRP A 291 5.26 -7.55 1.37
N GLN A 292 6.51 -7.93 1.57
CA GLN A 292 7.55 -7.35 0.73
C GLN A 292 7.43 -7.78 -0.72
N VAL A 293 7.09 -9.05 -0.97
CA VAL A 293 6.75 -9.47 -2.33
C VAL A 293 5.60 -8.64 -2.90
N VAL A 294 4.56 -8.41 -2.10
CA VAL A 294 3.39 -7.67 -2.59
C VAL A 294 3.75 -6.22 -2.93
N LYS A 295 4.57 -5.58 -2.07
CA LYS A 295 5.03 -4.23 -2.34
C LYS A 295 5.82 -4.17 -3.65
N GLU A 296 6.67 -5.16 -3.86
CA GLU A 296 7.45 -5.28 -5.08
C GLU A 296 6.60 -5.56 -6.31
N MET A 297 5.41 -6.16 -6.16
CA MET A 297 4.54 -6.44 -7.30
C MET A 297 3.99 -5.15 -7.87
N ASP A 298 3.88 -5.10 -9.19
CA ASP A 298 3.06 -4.08 -9.83
C ASP A 298 1.58 -4.42 -9.66
N ASN A 299 0.72 -3.51 -10.10
CA ASN A 299 -0.70 -3.68 -9.83
C ASN A 299 -1.31 -4.87 -10.54
N GLU A 300 -0.78 -5.24 -11.72
CA GLU A 300 -1.29 -6.40 -12.44
C GLU A 300 -1.06 -7.69 -11.64
N LYS A 301 0.15 -7.88 -11.12
CA LYS A 301 0.42 -9.05 -10.29
C LYS A 301 -0.44 -9.05 -9.02
N ARG A 302 -0.66 -7.88 -8.41
CA ARG A 302 -1.45 -7.85 -7.17
C ARG A 302 -2.87 -8.31 -7.47
N ILE A 303 -3.42 -7.88 -8.59
CA ILE A 303 -4.75 -8.34 -9.00
C ILE A 303 -4.75 -9.83 -9.23
N ARG A 304 -3.71 -10.34 -9.91
CA ARG A 304 -3.58 -11.76 -10.16
C ARG A 304 -3.62 -12.56 -8.85
N LEU A 305 -2.90 -12.09 -7.83
CA LEU A 305 -2.91 -12.68 -6.50
C LEU A 305 -4.28 -12.58 -5.86
N LEU A 306 -4.90 -11.40 -5.94
CA LEU A 306 -6.26 -11.26 -5.38
C LEU A 306 -7.20 -12.28 -6.00
N GLN A 307 -7.11 -12.47 -7.34
CA GLN A 307 -7.91 -13.51 -8.00
C GLN A 307 -7.52 -14.89 -7.54
N PHE A 308 -6.21 -15.20 -7.44
CA PHE A 308 -5.78 -16.50 -6.96
C PHE A 308 -6.37 -16.82 -5.58
N VAL A 309 -6.35 -15.85 -4.65
CA VAL A 309 -6.77 -16.14 -3.27
C VAL A 309 -8.30 -16.05 -3.11
N THR A 310 -8.97 -15.05 -3.69
CA THR A 310 -10.42 -14.87 -3.46
C THR A 310 -11.31 -15.39 -4.60
N GLY A 311 -10.76 -15.69 -5.77
CA GLY A 311 -11.53 -16.08 -6.91
C GLY A 311 -12.08 -14.96 -7.74
N THR A 312 -11.68 -13.71 -7.46
CA THR A 312 -12.19 -12.59 -8.26
C THR A 312 -11.27 -11.39 -8.11
N CYS A 313 -11.28 -10.53 -9.13
CA CYS A 313 -10.62 -9.25 -9.02
C CYS A 313 -11.49 -8.19 -8.34
N ARG A 314 -12.76 -8.41 -8.11
CA ARG A 314 -13.62 -7.35 -7.56
C ARG A 314 -13.49 -7.20 -6.03
N LEU A 315 -13.21 -5.96 -5.59
CA LEU A 315 -13.29 -5.73 -4.16
C LEU A 315 -14.62 -5.11 -3.80
N PRO A 316 -15.18 -5.45 -2.64
CA PRO A 316 -16.42 -4.79 -2.21
C PRO A 316 -16.20 -3.29 -2.03
N VAL A 317 -17.30 -2.53 -2.05
N VAL A 317 -17.33 -2.58 -2.12
CA VAL A 317 -17.12 -1.07 -1.99
CA VAL A 317 -17.48 -1.26 -1.54
C VAL A 317 -16.44 -0.63 -0.68
C VAL A 317 -17.27 -1.39 -0.04
N GLY A 318 -16.63 -1.39 0.41
N GLY A 318 -16.28 -0.68 0.48
CA GLY A 318 -15.99 -1.11 1.69
CA GLY A 318 -15.79 -0.87 1.81
C GLY A 318 -14.51 -1.41 1.80
C GLY A 318 -14.39 -1.44 1.87
N GLY A 319 -13.92 -2.06 0.78
CA GLY A 319 -12.53 -2.50 0.77
C GLY A 319 -12.33 -3.87 1.38
N PHE A 320 -11.07 -4.20 1.68
CA PHE A 320 -10.75 -5.55 2.17
C PHE A 320 -11.45 -5.92 3.47
N ALA A 321 -11.95 -4.95 4.24
CA ALA A 321 -12.63 -5.26 5.50
C ALA A 321 -13.92 -6.04 5.26
N GLU A 322 -14.62 -5.74 4.16
CA GLU A 322 -15.96 -6.25 3.87
C GLU A 322 -15.93 -7.52 3.03
N LEU A 323 -14.78 -8.16 2.93
CA LEU A 323 -14.60 -9.29 2.02
C LEU A 323 -15.46 -10.47 2.50
N ILE A 324 -16.13 -11.13 1.57
CA ILE A 324 -17.12 -12.17 1.89
C ILE A 324 -16.61 -13.50 1.36
N GLY A 325 -16.97 -14.55 2.08
CA GLY A 325 -16.66 -15.92 1.72
C GLY A 325 -17.93 -16.69 1.56
N SER A 326 -17.86 -18.02 1.43
CA SER A 326 -19.08 -18.76 1.17
C SER A 326 -19.98 -18.95 2.41
N ASN A 327 -19.52 -18.60 3.61
CA ASN A 327 -20.28 -18.87 4.84
C ASN A 327 -20.37 -17.60 5.68
N GLY A 328 -20.43 -16.45 5.00
CA GLY A 328 -20.49 -15.19 5.68
C GLY A 328 -19.22 -14.40 5.44
N PRO A 329 -19.13 -13.25 6.11
CA PRO A 329 -17.93 -12.41 6.01
C PRO A 329 -16.68 -13.24 6.28
N GLN A 330 -15.67 -13.02 5.47
CA GLN A 330 -14.40 -13.72 5.61
C GLN A 330 -13.28 -12.85 5.12
N LYS A 331 -12.44 -12.40 6.05
CA LYS A 331 -11.34 -11.55 5.66
C LYS A 331 -10.25 -12.38 5.03
N PHE A 332 -9.47 -11.73 4.17
CA PHE A 332 -8.26 -12.32 3.62
C PHE A 332 -7.45 -12.94 4.75
N CYS A 333 -7.09 -14.20 4.58
CA CYS A 333 -6.44 -14.97 5.63
C CYS A 333 -5.23 -15.69 5.07
N ILE A 334 -4.12 -15.65 5.81
CA ILE A 334 -2.91 -16.41 5.45
C ILE A 334 -2.66 -17.44 6.53
N ASP A 335 -2.41 -18.67 6.10
CA ASP A 335 -2.35 -19.81 7.00
C ASP A 335 -1.05 -20.55 6.71
N LYS A 336 -0.38 -20.98 7.79
CA LYS A 336 0.89 -21.71 7.69
C LYS A 336 0.54 -23.18 7.48
N VAL A 337 0.60 -23.63 6.24
CA VAL A 337 0.22 -24.99 5.89
C VAL A 337 1.25 -25.49 4.89
N GLY A 338 1.61 -26.78 4.99
CA GLY A 338 2.40 -27.41 3.96
C GLY A 338 3.90 -27.32 4.16
N LYS A 339 4.61 -27.82 3.17
CA LYS A 339 6.06 -27.97 3.24
C LYS A 339 6.70 -26.90 2.38
N GLU A 340 7.98 -26.61 2.62
CA GLU A 340 8.63 -25.67 1.71
C GLU A 340 8.79 -26.23 0.30
N THR A 341 8.64 -27.53 0.09
CA THR A 341 8.67 -28.13 -1.25
C THR A 341 7.39 -27.91 -2.01
N TRP A 342 6.38 -27.32 -1.37
CA TRP A 342 5.08 -27.08 -1.97
C TRP A 342 5.00 -25.66 -2.53
N LEU A 343 4.05 -25.47 -3.43
CA LEU A 343 3.68 -24.15 -3.86
C LEU A 343 2.63 -23.60 -2.90
N PRO A 344 2.48 -22.28 -2.80
CA PRO A 344 1.33 -21.75 -2.07
C PRO A 344 0.05 -22.24 -2.73
N ARG A 345 -0.99 -22.38 -1.92
CA ARG A 345 -2.26 -22.88 -2.37
C ARG A 345 -3.34 -22.01 -1.72
N SER A 346 -4.51 -21.98 -2.36
CA SER A 346 -5.60 -21.12 -1.90
C SER A 346 -6.90 -21.89 -1.78
N HIS A 347 -7.79 -21.36 -0.96
CA HIS A 347 -9.16 -21.83 -0.83
C HIS A 347 -10.01 -20.58 -0.99
N THR A 348 -10.53 -20.40 -2.21
CA THR A 348 -11.19 -19.14 -2.57
C THR A 348 -12.47 -18.93 -1.78
N CYS A 349 -13.19 -20.00 -1.48
CA CYS A 349 -14.41 -19.92 -0.68
C CYS A 349 -14.13 -19.35 0.70
N PHE A 350 -12.89 -19.45 1.18
CA PHE A 350 -12.50 -18.89 2.47
C PHE A 350 -11.52 -17.73 2.37
N ASN A 351 -11.21 -17.26 1.15
CA ASN A 351 -10.23 -16.18 0.96
C ASN A 351 -8.90 -16.48 1.64
N ARG A 352 -8.48 -17.74 1.58
CA ARG A 352 -7.33 -18.15 2.35
C ARG A 352 -6.16 -18.54 1.44
N LEU A 353 -4.98 -18.11 1.84
CA LEU A 353 -3.74 -18.50 1.19
C LEU A 353 -3.01 -19.48 2.12
N ASP A 354 -2.78 -20.68 1.64
CA ASP A 354 -1.94 -21.66 2.36
C ASP A 354 -0.50 -21.34 2.01
N LEU A 355 0.17 -20.61 2.90
CA LEU A 355 1.55 -20.21 2.67
C LEU A 355 2.48 -21.14 3.44
N PRO A 356 3.31 -21.94 2.75
CA PRO A 356 4.23 -22.82 3.49
C PRO A 356 5.32 -22.04 4.19
N PRO A 357 5.89 -22.59 5.29
CA PRO A 357 6.97 -21.88 6.00
C PRO A 357 8.28 -22.01 5.22
N TYR A 358 8.41 -21.16 4.19
CA TYR A 358 9.60 -21.12 3.37
C TYR A 358 10.78 -20.58 4.16
N LYS A 359 11.96 -20.99 3.76
CA LYS A 359 13.17 -20.61 4.48
C LYS A 359 13.84 -19.35 3.98
N SER A 360 13.40 -18.77 2.87
CA SER A 360 14.10 -17.58 2.40
C SER A 360 13.14 -16.71 1.62
N TYR A 361 13.36 -15.41 1.68
CA TYR A 361 12.53 -14.50 0.93
C TYR A 361 12.53 -14.88 -0.55
N GLU A 362 13.70 -15.25 -1.05
CA GLU A 362 13.88 -15.59 -2.46
C GLU A 362 13.02 -16.80 -2.84
N GLN A 363 12.98 -17.83 -1.99
CA GLN A 363 12.17 -19.01 -2.29
C GLN A 363 10.68 -18.67 -2.28
N LEU A 364 10.24 -17.90 -1.26
CA LEU A 364 8.83 -17.56 -1.14
C LEU A 364 8.40 -16.71 -2.33
N ARG A 365 9.21 -15.70 -2.66
CA ARG A 365 8.90 -14.82 -3.78
C ARG A 365 8.76 -15.60 -5.07
N GLU A 366 9.66 -16.56 -5.30
CA GLU A 366 9.68 -17.31 -6.56
C GLU A 366 8.48 -18.22 -6.66
N LYS A 367 8.14 -18.93 -5.59
CA LYS A 367 7.03 -19.86 -5.65
C LYS A 367 5.70 -19.11 -5.70
N LEU A 368 5.62 -17.98 -4.99
CA LEU A 368 4.39 -17.17 -4.99
C LEU A 368 4.12 -16.61 -6.38
N LEU A 369 5.15 -16.06 -7.02
CA LEU A 369 4.94 -15.49 -8.35
C LEU A 369 4.57 -16.59 -9.35
N TYR A 370 5.17 -17.77 -9.22
CA TYR A 370 4.84 -18.90 -10.08
C TYR A 370 3.39 -19.34 -9.89
N ALA A 371 2.98 -19.53 -8.62
CA ALA A 371 1.64 -20.05 -8.34
C ALA A 371 0.55 -19.16 -8.88
N ILE A 372 0.73 -17.86 -8.71
CA ILE A 372 -0.20 -16.83 -9.15
C ILE A 372 -0.31 -16.84 -10.68
N GLU A 373 0.80 -17.10 -11.35
CA GLU A 373 0.82 -17.07 -12.79
C GLU A 373 0.35 -18.39 -13.41
N GLU A 374 0.62 -19.52 -12.77
CA GLU A 374 0.49 -20.83 -13.40
C GLU A 374 -0.56 -21.74 -12.80
N THR A 375 -0.88 -21.61 -11.51
CA THR A 375 -1.86 -22.45 -10.83
C THR A 375 -3.06 -21.64 -10.34
N GLU A 376 -4.03 -22.37 -9.80
CA GLU A 376 -5.30 -21.82 -9.30
C GLU A 376 -5.67 -22.60 -8.03
N PRO B 2 -0.02 15.86 24.53
CA PRO B 2 1.19 16.52 25.06
C PRO B 2 1.92 15.59 26.03
N ASP B 3 1.24 15.29 27.14
CA ASP B 3 1.64 14.27 28.10
C ASP B 3 1.13 12.93 27.66
N ARG B 4 0.51 12.92 26.49
CA ARG B 4 -0.22 11.80 25.94
C ARG B 4 0.70 10.92 25.13
N SER B 5 0.25 9.70 24.86
CA SER B 5 1.06 8.72 24.17
C SER B 5 1.40 9.16 22.76
N PHE B 6 2.49 8.61 22.21
CA PHE B 6 2.86 8.95 20.84
C PHE B 6 1.73 8.64 19.88
N ARG B 7 1.08 7.48 20.07
CA ARG B 7 0.02 6.98 19.19
C ARG B 7 -1.18 7.91 19.17
N TRP B 8 -1.55 8.44 20.35
CA TRP B 8 -2.61 9.44 20.42
C TRP B 8 -2.22 10.68 19.64
N LYS B 9 -1.02 11.21 19.87
CA LYS B 9 -0.57 12.38 19.12
C LYS B 9 -0.55 12.10 17.63
N TYR B 10 -0.19 10.87 17.25
CA TYR B 10 -0.24 10.49 15.84
C TYR B 10 -1.68 10.56 15.31
N HIS B 11 -2.63 9.91 15.98
CA HIS B 11 -3.99 9.87 15.47
C HIS B 11 -4.65 11.25 15.50
N GLN B 12 -4.35 12.05 16.50
CA GLN B 12 -4.90 13.41 16.52
C GLN B 12 -4.38 14.22 15.33
N PHE B 13 -3.09 14.09 15.05
CA PHE B 13 -2.53 14.85 13.94
C PHE B 13 -3.11 14.39 12.61
N ARG B 14 -3.28 13.07 12.43
CA ARG B 14 -3.94 12.53 11.24
C ARG B 14 -5.32 13.16 11.08
N PHE B 15 -6.04 13.34 12.19
CA PHE B 15 -7.38 13.91 12.15
C PHE B 15 -7.35 15.34 11.61
N LEU B 16 -6.43 16.17 12.11
CA LEU B 16 -6.27 17.50 11.56
C LEU B 16 -6.02 17.47 10.07
N CYS B 17 -5.17 16.53 9.61
CA CYS B 17 -4.84 16.46 8.20
C CYS B 17 -6.07 16.07 7.40
N HIS B 18 -6.77 15.03 7.86
CA HIS B 18 -7.98 14.60 7.17
C HIS B 18 -9.05 15.69 7.21
N SER B 19 -9.17 16.38 8.37
CA SER B 19 -10.21 17.38 8.51
C SER B 19 -9.94 18.64 7.71
N ASN B 20 -8.77 18.80 7.14
CA ASN B 20 -8.50 20.04 6.44
C ASN B 20 -8.00 19.78 5.03
N ALA B 21 -8.14 18.56 4.55
CA ALA B 21 -7.77 18.22 3.20
C ALA B 21 -8.95 18.44 2.26
N LEU B 22 -8.68 18.98 1.09
CA LEU B 22 -9.69 19.21 0.08
C LEU B 22 -9.87 17.96 -0.76
N PRO B 23 -10.98 17.81 -1.49
CA PRO B 23 -11.17 16.60 -2.30
C PRO B 23 -10.40 16.64 -3.61
N SER B 24 -10.74 15.69 -4.49
CA SER B 24 -10.15 15.56 -5.82
C SER B 24 -8.66 15.27 -5.62
N HIS B 25 -7.77 15.83 -6.44
CA HIS B 25 -6.39 15.36 -6.49
C HIS B 25 -5.56 16.41 -7.20
N VAL B 26 -4.24 16.29 -7.04
CA VAL B 26 -3.27 17.03 -7.84
C VAL B 26 -2.30 16.02 -8.40
N LYS B 27 -1.78 16.33 -9.60
CA LYS B 27 -0.86 15.47 -10.34
C LYS B 27 0.48 16.15 -10.49
N ILE B 28 1.56 15.43 -10.18
CA ILE B 28 2.94 15.92 -10.33
C ILE B 28 3.68 15.00 -11.30
N SER B 29 4.16 15.57 -12.40
N SER B 29 4.15 15.56 -12.42
CA SER B 29 4.81 14.80 -13.46
CA SER B 29 4.81 14.78 -13.46
C SER B 29 6.32 15.01 -13.38
C SER B 29 6.32 15.00 -13.37
N VAL B 30 7.05 13.92 -13.14
CA VAL B 30 8.51 13.96 -13.05
C VAL B 30 9.12 12.85 -13.90
N SER B 31 10.43 12.94 -14.09
CA SER B 31 11.24 11.88 -14.65
C SER B 31 12.37 11.60 -13.67
N ARG B 32 12.92 10.37 -13.70
CA ARG B 32 14.08 10.08 -12.85
C ARG B 32 15.17 11.11 -13.08
N GLN B 33 15.44 11.40 -14.35
CA GLN B 33 16.62 12.16 -14.74
C GLN B 33 16.51 13.61 -14.28
N THR B 34 15.29 14.14 -14.25
CA THR B 34 15.01 15.52 -13.90
C THR B 34 14.10 15.63 -12.68
N LEU B 35 14.27 14.70 -11.73
CA LEU B 35 13.39 14.61 -10.57
C LEU B 35 13.29 15.94 -9.80
N PHE B 36 14.44 16.51 -9.44
CA PHE B 36 14.45 17.70 -8.59
C PHE B 36 13.83 18.90 -9.30
N GLU B 37 14.26 19.21 -10.52
CA GLU B 37 13.72 20.42 -11.15
C GLU B 37 12.25 20.28 -11.51
N ASP B 38 11.81 19.08 -11.92
CA ASP B 38 10.39 18.87 -12.21
C ASP B 38 9.57 19.00 -10.94
N SER B 39 10.00 18.34 -9.86
CA SER B 39 9.28 18.46 -8.59
C SER B 39 9.25 19.92 -8.12
N PHE B 40 10.38 20.62 -8.27
CA PHE B 40 10.42 22.02 -7.84
C PHE B 40 9.51 22.90 -8.68
N GLN B 41 9.61 22.79 -10.00
CA GLN B 41 8.78 23.61 -10.90
C GLN B 41 7.31 23.34 -10.65
N GLN B 42 6.92 22.06 -10.58
CA GLN B 42 5.51 21.76 -10.41
C GLN B 42 4.97 22.18 -9.05
N ILE B 43 5.70 21.91 -7.97
CA ILE B 43 5.16 22.19 -6.64
C ILE B 43 5.15 23.69 -6.38
N MET B 44 6.20 24.40 -6.78
CA MET B 44 6.22 25.83 -6.57
C MET B 44 5.21 26.57 -7.45
N ASN B 45 4.61 25.94 -8.46
CA ASN B 45 3.55 26.62 -9.19
C ASN B 45 2.16 26.23 -8.75
N MET B 46 2.02 25.43 -7.72
CA MET B 46 0.70 25.12 -7.19
C MET B 46 0.42 25.94 -5.93
N LYS B 47 -0.83 26.27 -5.72
CA LYS B 47 -1.24 26.79 -4.42
C LYS B 47 -0.97 25.77 -3.31
N PRO B 48 -0.37 26.18 -2.20
CA PRO B 48 0.06 25.18 -1.21
C PRO B 48 -1.06 24.32 -0.65
N TYR B 49 -2.29 24.87 -0.53
CA TYR B 49 -3.39 24.03 -0.05
C TYR B 49 -3.72 22.92 -1.03
N ASP B 50 -3.48 23.11 -2.35
CA ASP B 50 -3.72 22.03 -3.30
C ASP B 50 -2.79 20.85 -3.12
N LEU B 51 -1.64 21.03 -2.47
CA LEU B 51 -0.73 19.92 -2.18
C LEU B 51 -1.27 19.01 -1.10
N ARG B 52 -2.43 19.35 -0.53
CA ARG B 52 -3.07 18.53 0.49
C ARG B 52 -4.07 17.56 -0.09
N ARG B 53 -4.37 17.67 -1.38
CA ARG B 53 -5.24 16.69 -2.01
C ARG B 53 -4.50 15.38 -2.20
N ARG B 54 -5.26 14.33 -2.45
CA ARG B 54 -4.68 13.07 -2.88
C ARG B 54 -3.69 13.33 -4.00
N LEU B 55 -2.48 12.77 -3.85
CA LEU B 55 -1.34 12.96 -4.76
C LEU B 55 -1.21 11.82 -5.76
N TYR B 56 -1.14 12.15 -7.03
CA TYR B 56 -0.77 11.25 -8.11
C TYR B 56 0.57 11.69 -8.67
N ILE B 57 1.64 10.97 -8.35
CA ILE B 57 2.96 11.23 -8.92
C ILE B 57 3.07 10.43 -10.20
N ILE B 58 3.36 11.12 -11.30
CA ILE B 58 3.45 10.53 -12.64
C ILE B 58 4.95 10.44 -12.91
N MET B 59 5.49 9.25 -12.84
CA MET B 59 6.87 9.02 -13.25
C MET B 59 6.89 8.75 -14.75
N ARG B 60 7.24 9.77 -15.52
CA ARG B 60 7.28 9.67 -16.98
C ARG B 60 8.24 8.56 -17.38
N GLY B 61 7.77 7.65 -18.23
CA GLY B 61 8.58 6.55 -18.70
C GLY B 61 8.43 5.25 -17.94
N GLU B 62 7.87 5.25 -16.73
CA GLU B 62 7.60 3.99 -16.05
C GLU B 62 6.23 4.05 -15.39
N GLU B 63 5.24 4.46 -16.17
CA GLU B 63 3.88 4.56 -15.70
C GLU B 63 3.38 3.22 -15.16
N GLY B 64 2.68 3.29 -14.04
CA GLY B 64 2.07 2.12 -13.43
C GLY B 64 0.73 2.50 -12.81
N LEU B 65 0.16 1.59 -12.03
CA LEU B 65 -1.10 1.89 -11.36
C LEU B 65 -0.92 1.81 -9.84
N ASP B 66 0.31 1.62 -9.37
CA ASP B 66 0.64 1.56 -7.94
C ASP B 66 0.89 2.97 -7.42
N TYR B 67 -0.13 3.82 -7.36
CA TYR B 67 0.22 5.22 -7.11
C TYR B 67 0.69 5.41 -5.66
N GLY B 68 0.24 4.55 -4.74
CA GLY B 68 0.84 4.55 -3.42
C GLY B 68 2.32 4.26 -3.48
N GLY B 69 2.65 3.16 -4.14
CA GLY B 69 4.02 2.71 -4.26
C GLY B 69 4.88 3.67 -5.04
N ILE B 70 4.25 4.58 -5.76
CA ILE B 70 4.99 5.55 -6.54
C ILE B 70 5.13 6.86 -5.76
N ALA B 71 4.20 7.10 -4.83
CA ALA B 71 4.27 8.29 -4.00
C ALA B 71 5.50 8.07 -3.14
N ARG B 72 5.66 6.82 -2.69
CA ARG B 72 6.82 6.40 -1.94
C ARG B 72 7.95 6.29 -2.93
N GLU B 73 9.16 6.57 -2.54
CA GLU B 73 10.20 6.46 -3.57
C GLU B 73 10.28 7.79 -4.26
N TRP B 74 9.17 8.41 -4.68
CA TRP B 74 9.30 9.80 -5.07
C TRP B 74 9.69 10.61 -3.84
N PHE B 75 8.98 10.41 -2.73
CA PHE B 75 9.35 11.10 -1.50
C PHE B 75 10.77 10.73 -1.12
N PHE B 76 11.05 9.43 -1.08
CA PHE B 76 12.38 8.93 -0.74
C PHE B 76 13.46 9.53 -1.65
N LEU B 77 13.29 9.40 -2.97
CA LEU B 77 14.33 9.85 -3.88
C LEU B 77 14.52 11.36 -3.82
N LEU B 78 13.43 12.12 -3.74
CA LEU B 78 13.64 13.55 -3.69
C LEU B 78 14.25 13.96 -2.36
N SER B 79 13.97 13.20 -1.31
CA SER B 79 14.54 13.55 -0.03
C SER B 79 16.04 13.29 -0.01
N HIS B 80 16.53 12.36 -0.84
CA HIS B 80 17.98 12.26 -1.02
C HIS B 80 18.50 13.31 -1.99
N GLU B 81 17.75 13.58 -3.06
CA GLU B 81 18.28 14.41 -4.13
C GLU B 81 18.60 15.82 -3.66
N VAL B 82 17.83 16.37 -2.71
CA VAL B 82 18.13 17.70 -2.21
C VAL B 82 19.49 17.80 -1.53
N LEU B 83 20.04 16.68 -1.06
CA LEU B 83 21.37 16.60 -0.45
C LEU B 83 22.50 16.69 -1.47
N ASN B 84 22.17 16.82 -2.75
CA ASN B 84 23.19 16.78 -3.79
C ASN B 84 24.12 17.98 -3.65
N PRO B 85 25.42 17.76 -3.50
CA PRO B 85 26.34 18.89 -3.31
C PRO B 85 26.30 19.91 -4.44
N MET B 86 25.83 19.52 -5.64
CA MET B 86 25.71 20.49 -6.73
C MET B 86 24.76 21.61 -6.37
N TYR B 87 23.73 21.30 -5.58
CA TYR B 87 22.76 22.35 -5.29
C TYR B 87 23.26 23.33 -4.25
N CYS B 88 24.26 22.92 -3.46
CA CYS B 88 24.82 23.74 -2.39
C CYS B 88 23.78 24.11 -1.35
N LEU B 89 22.77 23.25 -1.14
CA LEU B 89 21.69 23.58 -0.19
C LEU B 89 21.98 23.06 1.22
N PHE B 90 22.48 21.83 1.33
CA PHE B 90 22.79 21.19 2.60
C PHE B 90 24.25 20.77 2.58
N GLU B 91 24.77 20.49 3.78
CA GLU B 91 26.13 20.01 4.03
C GLU B 91 26.14 19.28 5.36
N TYR B 92 27.29 18.69 5.69
CA TYR B 92 27.44 17.92 6.92
C TYR B 92 28.54 18.51 7.78
N ALA B 93 28.27 18.59 9.09
CA ALA B 93 29.23 19.14 10.04
C ALA B 93 30.47 18.27 10.13
N GLY B 94 30.31 16.96 10.27
CA GLY B 94 31.41 16.03 10.44
C GLY B 94 31.59 15.05 9.28
N LYS B 95 32.56 14.15 9.49
CA LYS B 95 32.89 13.12 8.50
C LYS B 95 31.76 12.12 8.38
N ASN B 96 31.70 11.46 7.23
CA ASN B 96 30.78 10.35 6.98
C ASN B 96 29.31 10.80 7.13
N ASN B 97 28.98 11.95 6.52
CA ASN B 97 27.61 12.48 6.52
C ASN B 97 27.08 12.63 7.96
N TYR B 98 27.90 13.22 8.82
CA TYR B 98 27.52 13.47 10.19
C TYR B 98 26.89 14.86 10.35
N CYS B 99 25.66 14.86 10.91
N CYS B 99 25.67 14.88 10.90
CA CYS B 99 24.93 16.05 11.31
CA CYS B 99 24.98 16.10 11.30
C CYS B 99 24.64 16.98 10.13
C CYS B 99 24.66 16.99 10.10
N LEU B 100 23.63 16.61 9.34
CA LEU B 100 23.13 17.48 8.27
C LEU B 100 22.75 18.86 8.81
N GLN B 101 23.01 19.89 8.01
CA GLN B 101 22.59 21.25 8.33
C GLN B 101 22.55 22.04 7.02
N ILE B 102 21.85 23.17 7.06
CA ILE B 102 21.78 24.06 5.91
C ILE B 102 23.17 24.64 5.60
N ASN B 103 23.50 24.68 4.32
CA ASN B 103 24.78 25.23 3.88
C ASN B 103 24.76 26.75 3.93
N PRO B 104 25.62 27.39 4.73
CA PRO B 104 25.61 28.87 4.75
C PRO B 104 26.03 29.48 3.42
N ALA B 105 26.68 28.71 2.55
CA ALA B 105 27.06 29.18 1.22
C ALA B 105 25.96 28.97 0.19
N SER B 106 24.74 28.63 0.61
CA SER B 106 23.68 28.34 -0.36
C SER B 106 23.38 29.54 -1.23
N SER B 107 23.57 30.76 -0.72
CA SER B 107 23.33 31.94 -1.54
C SER B 107 24.23 32.02 -2.79
N ILE B 108 25.21 31.12 -2.94
CA ILE B 108 25.97 31.03 -4.18
C ILE B 108 25.04 30.85 -5.39
N ASN B 109 23.82 30.35 -5.18
CA ASN B 109 22.73 30.40 -6.13
C ASN B 109 21.72 31.47 -5.74
N PRO B 110 21.42 32.45 -6.61
CA PRO B 110 20.54 33.55 -6.20
C PRO B 110 19.11 33.12 -5.86
N ASP B 111 18.67 31.98 -6.32
CA ASP B 111 17.29 31.55 -6.08
C ASP B 111 17.17 30.70 -4.82
N HIS B 112 18.21 30.67 -3.97
CA HIS B 112 18.29 29.58 -3.00
C HIS B 112 17.15 29.65 -2.00
N LEU B 113 16.61 30.85 -1.71
CA LEU B 113 15.51 30.93 -0.74
C LEU B 113 14.26 30.25 -1.25
N THR B 114 13.96 30.37 -2.55
CA THR B 114 12.80 29.68 -3.10
C THR B 114 12.99 28.16 -3.05
N TYR B 115 14.24 27.69 -3.24
CA TYR B 115 14.50 26.27 -3.11
C TYR B 115 14.27 25.80 -1.68
N PHE B 116 14.61 26.64 -0.69
CA PHE B 116 14.34 26.22 0.68
C PHE B 116 12.85 26.21 0.99
N ARG B 117 12.08 27.12 0.38
CA ARG B 117 10.62 27.10 0.52
C ARG B 117 10.05 25.83 -0.08
N PHE B 118 10.54 25.46 -1.27
CA PHE B 118 10.17 24.20 -1.90
C PHE B 118 10.44 23.00 -0.98
N ILE B 119 11.64 22.93 -0.42
CA ILE B 119 11.96 21.82 0.48
C ILE B 119 11.04 21.83 1.70
N GLY B 120 10.74 23.03 2.23
CA GLY B 120 9.73 23.14 3.28
C GLY B 120 8.39 22.56 2.89
N ARG B 121 7.89 22.92 1.68
CA ARG B 121 6.62 22.36 1.19
C ARG B 121 6.71 20.86 1.05
N PHE B 122 7.80 20.38 0.45
CA PHE B 122 7.97 18.94 0.21
C PHE B 122 7.97 18.15 1.51
N ILE B 123 8.71 18.63 2.51
CA ILE B 123 8.70 17.94 3.80
C ILE B 123 7.31 17.96 4.42
N ALA B 124 6.63 19.11 4.37
CA ALA B 124 5.26 19.15 4.88
C ALA B 124 4.36 18.17 4.14
N MET B 125 4.57 18.05 2.81
CA MET B 125 3.77 17.12 2.03
C MET B 125 3.96 15.69 2.53
N ALA B 126 5.19 15.32 2.91
CA ALA B 126 5.43 13.98 3.42
C ALA B 126 4.61 13.72 4.68
N LEU B 127 4.73 14.59 5.69
CA LEU B 127 3.90 14.45 6.89
C LEU B 127 2.43 14.41 6.53
N TYR B 128 1.98 15.36 5.71
CA TYR B 128 0.56 15.50 5.45
C TYR B 128 -0.01 14.21 4.90
N HIS B 129 0.70 13.60 3.96
CA HIS B 129 0.30 12.38 3.30
C HIS B 129 0.77 11.12 4.02
N GLY B 130 1.41 11.26 5.18
CA GLY B 130 1.82 10.08 5.92
C GLY B 130 2.87 9.26 5.23
N LYS B 131 3.76 9.89 4.47
CA LYS B 131 4.83 9.22 3.76
C LYS B 131 6.16 9.60 4.42
N PHE B 132 7.21 8.82 4.15
CA PHE B 132 8.44 8.96 4.90
C PHE B 132 9.59 9.41 4.03
N ILE B 133 10.55 10.05 4.67
CA ILE B 133 11.69 10.63 4.00
C ILE B 133 12.96 10.09 4.64
N ASP B 134 14.09 10.44 4.04
CA ASP B 134 15.38 9.99 4.52
C ASP B 134 16.41 11.11 4.47
N THR B 135 15.99 12.37 4.55
CA THR B 135 16.92 13.49 4.44
C THR B 135 17.92 13.49 5.59
N GLY B 136 17.46 13.16 6.80
CA GLY B 136 18.38 13.09 7.92
C GLY B 136 18.51 14.34 8.74
N PHE B 137 17.46 15.16 8.80
CA PHE B 137 17.47 16.33 9.67
C PHE B 137 17.80 15.92 11.11
N THR B 138 18.44 16.81 11.86
CA THR B 138 18.85 16.51 13.22
C THR B 138 17.76 16.90 14.23
N LEU B 139 17.89 16.35 15.45
CA LEU B 139 16.92 16.71 16.50
C LEU B 139 16.84 18.22 16.74
N PRO B 140 17.94 19.00 16.67
CA PRO B 140 17.79 20.45 16.84
C PRO B 140 17.07 21.14 15.70
N PHE B 141 17.15 20.59 14.49
CA PHE B 141 16.39 21.14 13.38
C PHE B 141 14.90 20.90 13.60
N TYR B 142 14.55 19.71 14.06
CA TYR B 142 13.18 19.44 14.43
C TYR B 142 12.71 20.33 15.59
N LYS B 143 13.61 20.67 16.52
CA LYS B 143 13.22 21.53 17.65
C LYS B 143 12.75 22.88 17.16
N ARG B 144 13.51 23.48 16.24
CA ARG B 144 13.09 24.74 15.65
C ARG B 144 11.69 24.62 15.03
N MET B 145 11.41 23.52 14.34
CA MET B 145 10.06 23.37 13.79
C MET B 145 8.99 23.40 14.88
N LEU B 146 9.36 23.01 16.10
CA LEU B 146 8.46 23.00 17.24
C LEU B 146 8.59 24.23 18.11
N ASN B 147 9.44 25.19 17.71
CA ASN B 147 9.74 26.39 18.47
C ASN B 147 10.39 26.12 19.82
N LYS B 148 11.16 25.05 19.92
CA LYS B 148 11.96 24.78 21.11
C LYS B 148 13.34 25.40 20.94
N ARG B 149 13.77 26.17 21.93
CA ARG B 149 15.12 26.74 21.87
C ARG B 149 16.16 25.64 22.05
N PRO B 150 17.16 25.57 21.18
CA PRO B 150 18.21 24.57 21.35
C PRO B 150 18.97 24.77 22.65
N THR B 151 19.33 23.66 23.28
CA THR B 151 19.97 23.62 24.59
C THR B 151 21.48 23.43 24.48
N LEU B 152 22.14 23.46 25.65
CA LEU B 152 23.56 23.16 25.72
C LEU B 152 23.87 21.79 25.17
N LYS B 153 23.09 20.78 25.59
CA LYS B 153 23.35 19.42 25.11
C LYS B 153 23.18 19.32 23.60
N ASP B 154 22.24 20.08 23.01
CA ASP B 154 22.17 20.14 21.56
C ASP B 154 23.48 20.62 20.95
N LEU B 155 24.11 21.61 21.59
CA LEU B 155 25.38 22.14 21.11
C LEU B 155 26.44 21.04 21.11
N GLU B 156 26.50 20.25 22.18
CA GLU B 156 27.43 19.12 22.26
C GLU B 156 27.19 18.12 21.14
N SER B 157 25.95 18.01 20.68
CA SER B 157 25.62 17.01 19.68
C SER B 157 26.12 17.41 18.30
N ILE B 158 26.06 18.69 17.95
CA ILE B 158 26.38 19.08 16.59
C ILE B 158 27.82 19.54 16.43
N ASP B 159 28.43 20.04 17.51
CA ASP B 159 29.73 20.67 17.52
C ASP B 159 30.33 20.54 18.91
N PRO B 160 30.94 19.39 19.24
CA PRO B 160 31.55 19.25 20.57
C PRO B 160 32.60 20.31 20.87
N GLU B 161 33.41 20.69 19.87
CA GLU B 161 34.43 21.71 20.09
C GLU B 161 33.82 23.02 20.51
N PHE B 162 32.82 23.50 19.77
CA PHE B 162 32.16 24.76 20.11
C PHE B 162 31.52 24.69 21.50
N TYR B 163 31.01 23.52 21.87
CA TYR B 163 30.43 23.29 23.17
C TYR B 163 31.46 23.43 24.29
N ASN B 164 32.55 22.68 24.19
CA ASN B 164 33.60 22.76 25.20
C ASN B 164 34.04 24.20 25.43
N SER B 165 34.10 24.99 24.34
CA SER B 165 34.43 26.41 24.45
C SER B 165 33.41 27.17 25.29
N ILE B 166 32.13 26.81 25.16
CA ILE B 166 31.10 27.44 25.98
C ILE B 166 31.15 26.95 27.42
N VAL B 167 31.51 25.68 27.64
CA VAL B 167 31.66 25.16 29.00
C VAL B 167 32.69 25.99 29.76
N TRP B 168 33.81 26.29 29.12
CA TRP B 168 34.86 27.09 29.73
C TRP B 168 34.30 28.44 30.19
N ILE B 169 33.45 29.06 29.38
CA ILE B 169 32.82 30.33 29.76
C ILE B 169 31.99 30.17 31.03
N LYS B 170 31.26 29.06 31.14
CA LYS B 170 30.54 28.56 32.33
C LYS B 170 31.47 28.43 33.55
N GLU B 171 31.36 27.35 34.34
CA GLU B 171 32.14 27.23 35.54
C GLU B 171 33.60 26.99 35.14
N ASN B 172 34.29 28.13 35.00
CA ASN B 172 35.64 28.35 34.52
C ASN B 172 35.59 29.80 34.04
N GLY B 178 39.47 37.32 33.13
CA GLY B 178 39.79 36.71 31.86
C GLY B 178 39.92 37.75 30.77
N LEU B 179 39.94 37.26 29.54
CA LEU B 179 40.12 38.12 28.39
C LEU B 179 38.82 38.85 28.08
N GLU B 180 38.91 39.76 27.10
CA GLU B 180 37.78 40.61 26.75
C GLU B 180 37.07 40.06 25.51
N LEU B 181 35.77 39.85 25.65
CA LEU B 181 34.93 39.34 24.58
C LEU B 181 33.72 40.26 24.49
N TYR B 182 33.14 40.37 23.31
CA TYR B 182 32.06 41.31 23.10
C TYR B 182 30.89 40.61 22.42
N PHE B 183 29.72 41.25 22.45
CA PHE B 183 28.50 40.64 21.96
C PHE B 183 28.52 40.56 20.44
N ILE B 184 29.55 39.89 19.89
CA ILE B 184 29.71 39.73 18.45
C ILE B 184 30.36 38.39 18.15
N GLN B 185 30.14 37.92 16.92
CA GLN B 185 30.88 36.81 16.35
C GLN B 185 31.15 37.10 14.88
N ASP B 186 32.22 36.50 14.37
CA ASP B 186 32.55 36.56 12.95
C ASP B 186 32.06 35.33 12.24
N MET B 187 31.78 35.51 10.94
CA MET B 187 31.25 34.48 10.05
C MET B 187 31.93 34.65 8.70
N GLU B 188 32.54 33.58 8.20
CA GLU B 188 33.12 33.57 6.86
C GLU B 188 32.26 32.71 5.93
N ILE B 189 31.74 33.33 4.88
CA ILE B 189 30.97 32.67 3.85
C ILE B 189 31.49 33.10 2.49
N LEU B 190 31.86 32.12 1.66
CA LEU B 190 32.33 32.41 0.31
C LEU B 190 33.51 33.39 0.33
N GLY B 191 34.39 33.21 1.32
CA GLY B 191 35.58 34.03 1.48
C GLY B 191 35.33 35.48 1.78
N LYS B 192 34.18 35.81 2.37
CA LYS B 192 33.79 37.18 2.64
C LYS B 192 33.40 37.20 4.11
N VAL B 193 34.36 37.60 4.95
CA VAL B 193 34.19 37.56 6.39
C VAL B 193 33.39 38.78 6.85
N THR B 194 32.33 38.53 7.62
CA THR B 194 31.51 39.56 8.21
C THR B 194 31.53 39.41 9.72
N THR B 195 30.91 40.37 10.42
CA THR B 195 30.79 40.32 11.87
C THR B 195 29.32 40.43 12.24
N HIS B 196 28.84 39.45 12.99
CA HIS B 196 27.46 39.40 13.44
C HIS B 196 27.37 40.03 14.82
N GLU B 197 26.45 40.97 14.97
CA GLU B 197 26.20 41.52 16.29
C GLU B 197 25.16 40.65 16.99
N LEU B 198 25.44 40.35 18.26
CA LEU B 198 24.55 39.44 18.99
C LEU B 198 23.33 40.16 19.52
N LYS B 199 23.42 41.48 19.68
CA LYS B 199 22.26 42.34 19.89
C LYS B 199 22.68 43.75 19.48
N GLU B 200 21.82 44.74 19.75
CA GLU B 200 22.14 46.13 19.46
C GLU B 200 23.45 46.56 20.10
N GLY B 201 24.29 47.24 19.32
CA GLY B 201 25.52 47.78 19.86
C GLY B 201 26.51 46.77 20.35
N GLY B 202 26.43 45.54 19.87
CA GLY B 202 27.27 44.45 20.34
C GLY B 202 28.77 44.68 20.41
N GLU B 203 29.35 45.40 19.44
CA GLU B 203 30.80 45.56 19.43
C GLU B 203 31.26 46.38 20.62
N SER B 204 30.45 47.34 21.06
CA SER B 204 30.81 48.26 22.13
C SER B 204 30.45 47.73 23.50
N ILE B 205 29.72 46.63 23.57
CA ILE B 205 29.29 46.04 24.84
C ILE B 205 30.23 44.88 25.15
N ARG B 206 31.07 45.05 26.15
CA ARG B 206 31.87 43.94 26.61
C ARG B 206 31.01 42.99 27.43
N VAL B 207 31.42 41.73 27.51
CA VAL B 207 30.66 40.72 28.24
C VAL B 207 31.14 40.71 29.67
N THR B 208 30.24 40.95 30.62
CA THR B 208 30.58 40.94 32.03
C THR B 208 29.85 39.78 32.70
N GLU B 209 30.05 39.62 34.00
CA GLU B 209 29.51 38.44 34.68
C GLU B 209 27.99 38.37 34.65
N GLU B 210 27.32 39.43 35.12
CA GLU B 210 25.86 39.40 35.14
C GLU B 210 25.25 39.84 33.80
N ASN B 211 26.11 39.94 32.79
CA ASN B 211 25.76 40.08 31.38
C ASN B 211 25.99 38.76 30.63
N LYS B 212 26.80 37.85 31.20
CA LYS B 212 27.25 36.61 30.55
C LYS B 212 26.12 35.64 30.20
N GLU B 213 25.22 35.36 31.14
CA GLU B 213 24.14 34.42 30.84
C GLU B 213 23.36 34.86 29.61
N GLU B 214 23.23 36.17 29.37
CA GLU B 214 22.71 36.67 28.10
C GLU B 214 23.70 36.43 26.96
N TYR B 215 25.00 36.50 27.23
CA TYR B 215 25.99 36.19 26.21
C TYR B 215 25.89 34.73 25.80
N ILE B 216 26.06 33.84 26.78
CA ILE B 216 25.97 32.39 26.54
C ILE B 216 24.67 32.04 25.81
N MET B 217 23.56 32.58 26.29
CA MET B 217 22.26 32.33 25.66
C MET B 217 22.30 32.75 24.21
N LEU B 218 22.75 33.98 23.94
CA LEU B 218 22.77 34.50 22.59
C LEU B 218 23.79 33.77 21.72
N LEU B 219 24.91 33.37 22.30
CA LEU B 219 25.97 32.79 21.49
C LEU B 219 25.60 31.37 21.06
N THR B 220 25.11 30.55 22.00
CA THR B 220 24.58 29.21 21.68
C THR B 220 23.50 29.28 20.60
N ASP B 221 22.47 30.10 20.81
CA ASP B 221 21.43 30.30 19.80
C ASP B 221 22.04 30.59 18.42
N TRP B 222 23.12 31.38 18.38
CA TRP B 222 23.72 31.79 17.12
C TRP B 222 24.45 30.65 16.42
N ARG B 223 25.04 29.72 17.19
CA ARG B 223 25.68 28.58 16.55
C ARG B 223 24.72 27.83 15.67
N PHE B 224 23.44 27.78 16.08
CA PHE B 224 22.46 27.00 15.33
C PHE B 224 21.92 27.74 14.12
N THR B 225 21.94 29.07 14.17
CA THR B 225 21.34 29.91 13.14
C THR B 225 22.36 30.61 12.24
N ARG B 226 23.64 30.60 12.59
CA ARG B 226 24.62 31.44 11.92
C ARG B 226 24.63 31.20 10.40
N GLY B 227 24.42 32.27 9.65
CA GLY B 227 24.50 32.18 8.21
C GLY B 227 23.38 31.40 7.56
N VAL B 228 22.42 30.88 8.32
CA VAL B 228 21.33 30.13 7.72
C VAL B 228 19.95 30.68 8.14
N GLU B 229 19.92 31.93 8.58
CA GLU B 229 18.70 32.55 9.15
C GLU B 229 17.57 32.60 8.12
N GLU B 230 17.85 33.24 6.98
N GLU B 230 17.85 33.19 6.97
CA GLU B 230 16.87 33.36 5.92
CA GLU B 230 16.79 33.34 5.99
C GLU B 230 16.50 32.00 5.34
C GLU B 230 16.51 32.04 5.24
N GLN B 231 17.52 31.17 5.07
CA GLN B 231 17.27 29.83 4.54
C GLN B 231 16.30 29.07 5.44
N THR B 232 16.55 29.12 6.75
CA THR B 232 15.70 28.41 7.68
C THR B 232 14.30 28.99 7.66
N LYS B 233 14.20 30.31 7.56
CA LYS B 233 12.89 30.94 7.59
C LYS B 233 12.09 30.58 6.33
N ALA B 234 12.75 30.51 5.16
CA ALA B 234 12.01 30.13 3.96
C ALA B 234 11.58 28.68 4.06
N PHE B 235 12.43 27.78 4.60
CA PHE B 235 12.00 26.41 4.82
C PHE B 235 10.74 26.36 5.68
N LEU B 236 10.78 27.10 6.79
CA LEU B 236 9.66 27.14 7.72
C LEU B 236 8.40 27.74 7.08
N ASP B 237 8.53 28.82 6.31
CA ASP B 237 7.33 29.37 5.67
C ASP B 237 6.74 28.39 4.66
N GLY B 238 7.58 27.66 3.94
CA GLY B 238 7.08 26.67 2.99
C GLY B 238 6.42 25.49 3.67
N PHE B 239 7.03 24.99 4.75
CA PHE B 239 6.37 23.94 5.52
C PHE B 239 5.01 24.42 6.02
N ASN B 240 4.99 25.62 6.63
CA ASN B 240 3.78 26.10 7.28
C ASN B 240 2.63 26.32 6.29
N GLU B 241 2.93 26.75 5.06
CA GLU B 241 1.91 26.88 4.01
C GLU B 241 1.18 25.56 3.79
N VAL B 242 1.88 24.45 3.86
CA VAL B 242 1.27 23.17 3.52
C VAL B 242 0.72 22.45 4.74
N ALA B 243 1.56 22.29 5.76
CA ALA B 243 1.17 21.60 6.97
C ALA B 243 1.57 22.58 8.07
N PRO B 244 0.61 23.39 8.54
CA PRO B 244 0.92 24.53 9.43
C PRO B 244 1.59 24.06 10.71
N LEU B 245 2.62 24.77 11.14
CA LEU B 245 3.37 24.38 12.32
C LEU B 245 2.56 24.20 13.59
N GLU B 246 1.46 24.93 13.72
CA GLU B 246 0.59 24.85 14.89
C GLU B 246 0.11 23.43 15.20
N TRP B 247 -0.12 22.65 14.16
CA TRP B 247 -0.58 21.27 14.28
C TRP B 247 0.44 20.35 14.96
N LEU B 248 1.72 20.78 15.03
CA LEU B 248 2.77 19.99 15.64
C LEU B 248 2.94 20.29 17.13
N ARG B 249 1.98 21.00 17.73
CA ARG B 249 2.12 21.52 19.09
C ARG B 249 2.34 20.45 20.17
N TYR B 250 1.84 19.22 20.00
CA TYR B 250 1.99 18.19 21.03
C TYR B 250 3.26 17.35 20.92
N PHE B 251 3.91 17.27 19.75
CA PHE B 251 5.08 16.42 19.60
C PHE B 251 6.31 16.99 20.29
N ASP B 252 7.18 16.09 20.78
CA ASP B 252 8.56 16.51 21.01
C ASP B 252 9.38 16.20 19.75
N GLU B 253 10.63 16.66 19.73
CA GLU B 253 11.40 16.60 18.50
C GLU B 253 11.71 15.16 18.09
N LYS B 254 11.84 14.24 19.04
CA LYS B 254 12.08 12.86 18.67
C LYS B 254 10.84 12.23 18.03
N GLU B 255 9.65 12.57 18.52
CA GLU B 255 8.45 12.03 17.89
C GLU B 255 8.30 12.57 16.48
N LEU B 256 8.68 13.85 16.27
CA LEU B 256 8.64 14.44 14.95
C LEU B 256 9.54 13.68 13.99
N GLU B 257 10.76 13.35 14.42
CA GLU B 257 11.62 12.57 13.56
C GLU B 257 10.98 11.24 13.17
N LEU B 258 10.44 10.48 14.15
CA LEU B 258 9.68 9.26 13.84
C LEU B 258 8.51 9.51 12.89
N MET B 259 7.74 10.57 13.11
CA MET B 259 6.63 10.89 12.20
C MET B 259 7.13 11.05 10.76
N LEU B 260 8.29 11.62 10.59
CA LEU B 260 8.81 11.85 9.24
C LEU B 260 9.62 10.68 8.70
N CYS B 261 10.24 9.89 9.59
CA CYS B 261 11.15 8.85 9.16
C CYS B 261 10.54 7.46 9.15
N GLY B 262 9.48 7.23 9.91
CA GLY B 262 8.92 5.91 10.07
C GLY B 262 9.65 5.14 11.14
N MET B 263 9.10 3.99 11.49
CA MET B 263 9.66 3.21 12.60
C MET B 263 10.21 1.89 12.11
N GLN B 264 11.51 1.71 12.27
CA GLN B 264 12.18 0.47 11.93
C GLN B 264 12.28 -0.41 13.18
N GLU B 265 11.90 -1.68 13.04
CA GLU B 265 12.11 -2.63 14.11
C GLU B 265 13.61 -2.82 14.33
N ILE B 266 14.06 -2.60 15.56
CA ILE B 266 15.48 -2.72 15.90
C ILE B 266 15.80 -4.20 16.04
N ASP B 267 16.74 -4.68 15.22
CA ASP B 267 17.19 -6.05 15.32
C ASP B 267 17.90 -6.12 16.67
N MET B 268 17.27 -6.83 17.60
CA MET B 268 17.78 -6.91 18.96
C MET B 268 19.15 -7.55 19.05
N SER B 269 19.42 -8.54 18.20
CA SER B 269 20.70 -9.22 18.19
C SER B 269 21.82 -8.25 17.83
N ASP B 270 21.73 -7.69 16.61
CA ASP B 270 22.73 -6.76 16.08
C ASP B 270 23.16 -5.68 17.08
N TRP B 271 22.20 -5.06 17.76
CA TRP B 271 22.52 -4.01 18.75
C TRP B 271 23.49 -4.51 19.81
N GLN B 272 23.17 -5.65 20.43
CA GLN B 272 24.05 -6.21 21.46
C GLN B 272 25.33 -6.75 20.82
N LYS B 273 25.20 -7.29 19.60
CA LYS B 273 26.32 -7.84 18.87
C LYS B 273 27.30 -6.78 18.39
N SER B 274 26.90 -5.50 18.40
CA SER B 274 27.73 -4.39 17.91
C SER B 274 27.99 -3.33 18.97
N THR B 275 27.85 -3.68 20.24
CA THR B 275 27.99 -2.73 21.35
C THR B 275 29.30 -2.95 22.06
N ILE B 276 30.00 -1.85 22.37
CA ILE B 276 31.25 -1.87 23.10
C ILE B 276 31.04 -1.17 24.44
N TYR B 277 31.84 -1.55 25.44
CA TYR B 277 31.67 -1.02 26.79
C TYR B 277 32.94 -0.36 27.31
N ARG B 278 32.76 0.48 28.34
CA ARG B 278 33.86 1.13 29.05
C ARG B 278 33.55 1.15 30.54
N HIS B 279 34.52 0.73 31.36
CA HIS B 279 34.35 0.58 32.80
C HIS B 279 33.22 -0.40 33.11
N TYR B 280 32.99 -1.29 32.18
CA TYR B 280 31.97 -2.33 32.23
C TYR B 280 32.45 -3.44 31.33
N THR B 281 31.74 -4.56 31.34
CA THR B 281 31.98 -5.60 30.36
C THR B 281 30.66 -6.15 29.85
N LYS B 282 30.76 -6.97 28.80
CA LYS B 282 29.58 -7.66 28.29
C LYS B 282 28.89 -8.45 29.40
N ASN B 283 29.62 -8.69 30.49
CA ASN B 283 29.19 -9.42 31.68
C ASN B 283 29.46 -8.47 32.85
N SER B 284 28.48 -7.66 33.26
CA SER B 284 28.70 -6.78 34.40
C SER B 284 27.40 -6.34 35.10
N LYS B 285 26.44 -7.25 35.24
CA LYS B 285 25.15 -7.06 35.89
C LYS B 285 24.36 -5.80 35.53
N GLN B 286 24.97 -4.61 35.68
CA GLN B 286 24.29 -3.41 35.19
C GLN B 286 24.12 -3.49 33.69
N ILE B 287 25.15 -3.97 33.00
CA ILE B 287 25.04 -4.24 31.58
C ILE B 287 24.00 -5.32 31.35
N GLN B 288 24.06 -6.39 32.15
CA GLN B 288 23.13 -7.50 31.99
C GLN B 288 21.69 -7.05 32.21
N TRP B 289 21.45 -6.27 33.27
CA TRP B 289 20.15 -5.65 33.51
C TRP B 289 19.70 -4.80 32.32
N PHE B 290 20.63 -4.05 31.73
CA PHE B 290 20.30 -3.13 30.65
C PHE B 290 19.60 -3.84 29.50
N TRP B 291 20.11 -4.99 29.08
CA TRP B 291 19.60 -5.62 27.85
C TRP B 291 18.25 -6.29 28.04
N GLN B 292 17.95 -6.82 29.24
CA GLN B 292 16.62 -7.38 29.46
C GLN B 292 15.57 -6.27 29.51
N VAL B 293 15.92 -5.13 30.12
CA VAL B 293 15.07 -3.94 30.01
C VAL B 293 14.81 -3.66 28.53
N VAL B 294 15.89 -3.66 27.73
CA VAL B 294 15.73 -3.39 26.31
C VAL B 294 14.89 -4.46 25.63
N LYS B 295 15.11 -5.72 25.98
CA LYS B 295 14.33 -6.79 25.35
C LYS B 295 12.84 -6.65 25.69
N GLU B 296 12.53 -6.32 26.95
CA GLU B 296 11.12 -6.19 27.34
C GLU B 296 10.45 -4.97 26.68
N MET B 297 11.24 -4.01 26.19
CA MET B 297 10.67 -2.82 25.55
C MET B 297 9.90 -3.17 24.28
N ASP B 298 8.80 -2.47 24.05
CA ASP B 298 8.24 -2.53 22.71
C ASP B 298 9.14 -1.75 21.74
N ASN B 299 8.82 -1.84 20.46
CA ASN B 299 9.70 -1.26 19.46
C ASN B 299 9.78 0.26 19.59
N GLU B 300 8.74 0.90 20.14
CA GLU B 300 8.78 2.34 20.35
C GLU B 300 9.83 2.71 21.38
N LYS B 301 9.79 2.09 22.57
CA LYS B 301 10.80 2.38 23.59
C LYS B 301 12.19 2.12 23.04
N ARG B 302 12.35 1.08 22.24
CA ARG B 302 13.66 0.76 21.70
C ARG B 302 14.18 1.85 20.79
N ILE B 303 13.32 2.37 19.90
CA ILE B 303 13.70 3.50 19.06
C ILE B 303 13.97 4.71 19.93
N ARG B 304 13.10 4.96 20.92
CA ARG B 304 13.29 6.09 21.83
C ARG B 304 14.65 6.04 22.50
N LEU B 305 15.07 4.87 22.98
CA LEU B 305 16.41 4.73 23.58
C LEU B 305 17.50 5.02 22.55
N LEU B 306 17.37 4.44 21.36
CA LEU B 306 18.33 4.71 20.29
C LEU B 306 18.43 6.20 20.00
N GLN B 307 17.28 6.90 19.94
CA GLN B 307 17.32 8.34 19.73
C GLN B 307 18.00 9.06 20.91
N PHE B 308 17.67 8.65 22.15
CA PHE B 308 18.30 9.24 23.34
C PHE B 308 19.81 9.13 23.28
N VAL B 309 20.31 7.96 22.87
CA VAL B 309 21.75 7.73 22.91
C VAL B 309 22.44 8.23 21.64
N THR B 310 21.91 7.93 20.45
CA THR B 310 22.60 8.28 19.21
C THR B 310 22.15 9.60 18.62
N GLY B 311 21.02 10.16 19.06
CA GLY B 311 20.56 11.41 18.50
C GLY B 311 19.76 11.30 17.21
N THR B 312 19.39 10.10 16.80
CA THR B 312 18.55 9.83 15.63
C THR B 312 17.95 8.42 15.72
N CYS B 313 16.78 8.26 15.10
CA CYS B 313 16.14 6.96 14.96
C CYS B 313 16.69 6.15 13.78
N ARG B 314 17.47 6.77 12.90
CA ARG B 314 17.91 6.15 11.65
C ARG B 314 19.12 5.23 11.92
N LEU B 315 19.03 3.98 11.43
CA LEU B 315 20.31 3.27 11.49
C LEU B 315 21.02 3.36 10.15
N PRO B 316 22.36 3.41 10.16
CA PRO B 316 23.12 3.35 8.91
C PRO B 316 22.97 2.00 8.21
N VAL B 317 23.04 2.04 6.87
CA VAL B 317 23.11 0.81 6.07
C VAL B 317 24.21 -0.10 6.61
N GLY B 318 23.87 -1.37 6.81
CA GLY B 318 24.77 -2.28 7.50
C GLY B 318 24.67 -2.26 9.02
N GLY B 319 23.55 -1.78 9.57
CA GLY B 319 23.25 -1.93 10.99
C GLY B 319 24.16 -1.19 11.97
N PHE B 320 24.05 -1.63 13.23
CA PHE B 320 24.76 -1.00 14.34
C PHE B 320 26.26 -1.03 14.17
N ALA B 321 26.79 -1.91 13.31
CA ALA B 321 28.24 -1.98 13.14
C ALA B 321 28.80 -0.67 12.61
N GLU B 322 28.09 -0.02 11.67
CA GLU B 322 28.57 1.13 10.94
C GLU B 322 28.28 2.45 11.66
N LEU B 323 27.92 2.38 12.93
CA LEU B 323 27.37 3.54 13.62
C LEU B 323 28.39 4.66 13.66
N ILE B 324 27.95 5.88 13.39
CA ILE B 324 28.85 6.99 13.15
C ILE B 324 28.73 8.00 14.29
N GLY B 325 29.85 8.62 14.64
CA GLY B 325 29.89 9.68 15.62
C GLY B 325 30.43 10.93 14.93
N SER B 326 30.69 12.00 15.71
CA SER B 326 31.10 13.32 15.19
C SER B 326 32.49 13.36 14.76
N ASN B 327 33.18 12.25 14.99
CA ASN B 327 34.62 12.19 14.87
C ASN B 327 35.05 10.91 14.15
N GLY B 328 34.21 10.40 13.25
CA GLY B 328 34.47 9.14 12.58
C GLY B 328 33.49 8.12 13.14
N PRO B 329 33.55 6.87 12.69
CA PRO B 329 32.68 5.85 13.29
C PRO B 329 32.93 5.69 14.79
N GLN B 330 31.84 5.54 15.54
CA GLN B 330 31.92 5.16 16.95
C GLN B 330 30.70 4.34 17.26
N LYS B 331 30.93 3.10 17.67
CA LYS B 331 29.88 2.15 17.95
C LYS B 331 29.20 2.50 19.27
N PHE B 332 27.95 2.05 19.40
CA PHE B 332 27.18 2.22 20.63
C PHE B 332 28.00 1.83 21.85
N CYS B 333 28.11 2.76 22.81
CA CYS B 333 29.00 2.65 23.96
C CYS B 333 28.26 2.98 25.26
N ILE B 334 28.51 2.17 26.30
CA ILE B 334 27.94 2.38 27.63
C ILE B 334 29.09 2.60 28.62
N ASP B 335 28.95 3.61 29.48
CA ASP B 335 30.00 4.10 30.37
C ASP B 335 29.44 4.30 31.78
N LYS B 336 30.21 3.90 32.80
CA LYS B 336 29.80 4.03 34.19
C LYS B 336 30.08 5.45 34.68
N VAL B 337 29.06 6.30 34.76
CA VAL B 337 29.23 7.67 35.20
C VAL B 337 28.02 8.07 36.06
N GLY B 338 28.27 8.86 37.11
CA GLY B 338 27.20 9.50 37.85
C GLY B 338 26.67 8.72 39.04
N LYS B 339 25.65 9.29 39.65
CA LYS B 339 25.12 8.80 40.92
C LYS B 339 23.83 8.02 40.71
N GLU B 340 23.58 7.05 41.60
CA GLU B 340 22.33 6.32 41.56
C GLU B 340 21.16 7.19 41.98
N THR B 341 21.42 8.33 42.62
CA THR B 341 20.41 9.37 42.82
C THR B 341 20.20 10.23 41.57
N TRP B 342 21.01 10.01 40.54
CA TRP B 342 20.91 10.66 39.23
C TRP B 342 20.30 9.71 38.20
N LEU B 343 19.77 10.31 37.12
CA LEU B 343 19.32 9.54 35.97
C LEU B 343 20.48 9.28 35.01
N PRO B 344 20.34 8.28 34.14
CA PRO B 344 21.28 8.12 33.03
C PRO B 344 21.31 9.35 32.12
N ARG B 345 22.46 9.53 31.47
CA ARG B 345 22.71 10.65 30.58
C ARG B 345 23.29 10.08 29.30
N SER B 346 23.33 10.92 28.25
CA SER B 346 23.91 10.52 26.96
C SER B 346 24.77 11.64 26.40
N HIS B 347 25.69 11.29 25.51
CA HIS B 347 26.45 12.26 24.70
C HIS B 347 26.32 11.74 23.27
N THR B 348 25.41 12.34 22.49
CA THR B 348 25.07 11.76 21.21
C THR B 348 26.20 11.89 20.20
N CYS B 349 27.05 12.91 20.35
CA CYS B 349 28.20 13.01 19.46
C CYS B 349 29.13 11.81 19.59
N PHE B 350 29.13 11.11 20.73
CA PHE B 350 29.98 9.94 20.94
C PHE B 350 29.19 8.65 21.02
N ASN B 351 27.86 8.71 20.84
CA ASN B 351 26.98 7.54 20.95
C ASN B 351 27.14 6.84 22.30
N ARG B 352 27.26 7.61 23.38
CA ARG B 352 27.56 7.06 24.69
C ARG B 352 26.41 7.26 25.67
N LEU B 353 26.13 6.22 26.45
CA LEU B 353 25.13 6.26 27.52
C LEU B 353 25.83 6.25 28.87
N ASP B 354 25.70 7.34 29.62
CA ASP B 354 26.20 7.41 31.00
C ASP B 354 25.19 6.73 31.91
N LEU B 355 25.43 5.46 32.19
CA LEU B 355 24.58 4.63 33.04
C LEU B 355 25.18 4.56 34.44
N PRO B 356 24.53 5.12 35.47
CA PRO B 356 25.04 4.99 36.85
C PRO B 356 24.95 3.55 37.33
N PRO B 357 25.77 3.16 38.33
CA PRO B 357 25.78 1.77 38.87
C PRO B 357 24.63 1.55 39.85
N TYR B 358 23.45 1.26 39.28
CA TYR B 358 22.28 1.02 40.10
C TYR B 358 22.45 -0.29 40.86
N LYS B 359 21.83 -0.33 42.03
CA LYS B 359 21.96 -1.51 42.88
C LYS B 359 20.95 -2.60 42.59
N SER B 360 20.01 -2.36 41.68
CA SER B 360 19.00 -3.37 41.38
C SER B 360 18.47 -3.19 39.97
N TYR B 361 18.06 -4.31 39.37
CA TYR B 361 17.41 -4.27 38.07
C TYR B 361 16.19 -3.35 38.10
N GLU B 362 15.44 -3.41 39.20
CA GLU B 362 14.21 -2.65 39.33
C GLU B 362 14.49 -1.16 39.22
N GLN B 363 15.50 -0.69 39.94
CA GLN B 363 15.90 0.71 39.92
C GLN B 363 16.42 1.14 38.55
N LEU B 364 17.24 0.29 37.92
CA LEU B 364 17.80 0.63 36.61
C LEU B 364 16.69 0.77 35.57
N ARG B 365 15.76 -0.18 35.57
CA ARG B 365 14.64 -0.15 34.64
C ARG B 365 13.85 1.16 34.78
N GLU B 366 13.64 1.60 36.02
CA GLU B 366 12.79 2.77 36.26
C GLU B 366 13.49 4.04 35.81
N LYS B 367 14.77 4.19 36.15
CA LYS B 367 15.46 5.42 35.78
C LYS B 367 15.81 5.42 34.29
N LEU B 368 16.10 4.27 33.70
CA LEU B 368 16.29 4.26 32.26
C LEU B 368 14.99 4.64 31.55
N LEU B 369 13.86 4.04 31.93
CA LEU B 369 12.60 4.32 31.23
C LEU B 369 12.17 5.76 31.42
N TYR B 370 12.39 6.31 32.62
CA TYR B 370 12.09 7.72 32.86
C TYR B 370 12.95 8.64 31.99
N ALA B 371 14.28 8.49 32.05
CA ALA B 371 15.20 9.37 31.33
C ALA B 371 14.94 9.38 29.82
N ILE B 372 14.62 8.20 29.28
CA ILE B 372 14.32 8.04 27.86
C ILE B 372 13.08 8.85 27.46
N GLU B 373 12.05 8.88 28.32
CA GLU B 373 10.81 9.58 28.01
C GLU B 373 10.86 11.06 28.37
N GLU B 374 11.60 11.45 29.41
CA GLU B 374 11.37 12.77 30.01
C GLU B 374 12.56 13.72 29.92
N THR B 375 13.76 13.24 29.70
CA THR B 375 14.90 14.11 29.44
C THR B 375 15.35 13.93 27.99
N GLU B 376 16.05 14.92 27.46
CA GLU B 376 16.36 14.92 26.04
C GLU B 376 17.67 14.17 25.76
N ASP C 2 -19.65 0.42 -7.15
CA ASP C 2 -20.52 1.61 -7.28
C ASP C 2 -20.00 2.49 -8.42
N PRO C 3 -20.73 3.54 -8.80
CA PRO C 3 -20.22 4.38 -9.89
C PRO C 3 -18.80 4.88 -9.67
N ALA C 4 -18.44 5.30 -8.44
CA ALA C 4 -17.09 5.80 -8.22
C ALA C 4 -16.06 4.74 -8.53
N GLN C 5 -16.29 3.52 -8.04
CA GLN C 5 -15.37 2.43 -8.29
C GLN C 5 -15.32 2.08 -9.79
N MET C 6 -16.44 2.19 -10.50
CA MET C 6 -16.47 1.87 -11.93
C MET C 6 -15.68 2.89 -12.74
N TYR C 7 -15.86 4.19 -12.47
CA TYR C 7 -14.98 5.19 -13.05
C TYR C 7 -13.52 4.80 -12.88
N CYS C 8 -13.14 4.39 -11.67
CA CYS C 8 -11.75 4.03 -11.40
C CYS C 8 -11.35 2.78 -12.19
N ARG C 9 -12.18 1.76 -12.16
CA ARG C 9 -11.88 0.52 -12.86
C ARG C 9 -11.73 0.76 -14.34
N GLU C 10 -12.57 1.61 -14.89
CA GLU C 10 -12.54 1.91 -16.30
C GLU C 10 -11.32 2.72 -16.71
N ALA C 11 -11.03 3.77 -15.96
CA ALA C 11 -9.90 4.64 -16.30
C ALA C 11 -8.57 3.94 -16.09
N ALA C 12 -8.46 3.16 -15.01
CA ALA C 12 -7.23 2.43 -14.74
C ALA C 12 -6.99 1.38 -15.83
N PHE C 13 -8.07 0.72 -16.30
CA PHE C 13 -7.93 -0.24 -17.38
C PHE C 13 -7.43 0.42 -18.66
N TYR C 14 -8.04 1.54 -19.04
CA TYR C 14 -7.64 2.21 -20.28
C TYR C 14 -6.20 2.66 -20.20
N CYS C 15 -5.77 3.16 -19.03
CA CYS C 15 -4.42 3.64 -18.86
C CYS C 15 -3.41 2.51 -18.90
N PHE C 16 -3.75 1.40 -18.26
CA PHE C 16 -2.89 0.23 -18.31
C PHE C 16 -2.70 -0.24 -19.75
N MET C 17 -3.80 -0.26 -20.54
CA MET C 17 -3.75 -0.80 -21.89
C MET C 17 -3.15 0.17 -22.91
N HIS C 18 -3.59 1.43 -22.94
CA HIS C 18 -3.14 2.37 -24.02
C HIS C 18 -2.10 3.37 -23.53
#